data_2MDJ
#
_entry.id   2MDJ
#
_entity_poly.entity_id   1
_entity_poly.type   'polypeptide(L)'
_entity_poly.pdbx_seq_one_letter_code
;GSDLPPPSPPKPKTIVLPPNWKTARDPEGKIYYYHVITRQTQWDPPTWESPGDDAS
;
_entity_poly.pdbx_strand_id   A
#
# COMPACT_ATOMS: atom_id res chain seq x y z
N GLY A 1 2.95 7.83 -8.83
CA GLY A 1 2.27 6.60 -8.42
C GLY A 1 2.10 5.64 -9.57
N SER A 2 2.00 4.34 -9.26
CA SER A 2 2.01 3.32 -10.29
C SER A 2 0.75 3.34 -11.16
N ASP A 3 -0.42 3.29 -10.54
CA ASP A 3 -1.68 3.53 -11.25
C ASP A 3 -2.10 4.98 -11.10
N LEU A 4 -2.04 5.43 -9.87
CA LEU A 4 -2.60 6.70 -9.44
C LEU A 4 -1.56 7.58 -8.75
N PRO A 5 -1.78 8.91 -8.77
CA PRO A 5 -0.86 9.91 -8.22
C PRO A 5 -0.55 9.67 -6.74
N PRO A 6 0.55 10.26 -6.23
CA PRO A 6 1.15 9.87 -4.94
C PRO A 6 0.19 9.97 -3.77
N PRO A 7 0.33 9.03 -2.83
CA PRO A 7 -0.58 8.81 -1.72
C PRO A 7 -0.27 9.70 -0.52
N SER A 8 -1.30 9.91 0.29
CA SER A 8 -1.16 10.63 1.54
C SER A 8 -0.79 9.62 2.62
N PRO A 9 -0.11 10.06 3.69
CA PRO A 9 0.20 9.19 4.82
C PRO A 9 -1.08 8.66 5.45
N PRO A 10 -1.07 7.40 5.89
CA PRO A 10 -2.28 6.69 6.28
C PRO A 10 -2.99 7.29 7.47
N LYS A 11 -4.31 7.25 7.43
CA LYS A 11 -5.13 7.68 8.54
C LYS A 11 -5.73 6.44 9.20
N PRO A 12 -6.30 6.55 10.42
CA PRO A 12 -6.96 5.43 11.10
C PRO A 12 -7.95 4.70 10.20
N LYS A 13 -7.47 3.64 9.56
CA LYS A 13 -8.27 2.88 8.61
C LYS A 13 -7.93 1.39 8.69
N THR A 14 -8.94 0.61 9.01
CA THR A 14 -8.80 -0.85 9.06
C THR A 14 -9.18 -1.44 7.71
N ILE A 15 -9.96 -0.65 6.95
CA ILE A 15 -10.53 -0.98 5.67
C ILE A 15 -9.67 -1.93 4.83
N VAL A 16 -10.39 -2.83 4.15
CA VAL A 16 -9.83 -3.82 3.24
C VAL A 16 -8.88 -3.19 2.20
N LEU A 17 -8.30 -4.02 1.35
CA LEU A 17 -7.18 -3.59 0.54
C LEU A 17 -7.47 -3.66 -0.94
N PRO A 18 -7.07 -2.61 -1.66
CA PRO A 18 -7.05 -2.59 -3.11
C PRO A 18 -5.68 -3.03 -3.65
N PRO A 19 -5.61 -4.30 -4.10
CA PRO A 19 -4.38 -4.97 -4.62
C PRO A 19 -3.67 -4.23 -5.78
N ASN A 20 -4.25 -3.14 -6.26
CA ASN A 20 -3.68 -2.35 -7.34
C ASN A 20 -2.34 -1.74 -6.94
N TRP A 21 -2.05 -1.78 -5.65
CA TRP A 21 -0.92 -1.11 -5.08
C TRP A 21 0.38 -1.74 -5.44
N LYS A 22 1.38 -0.89 -5.43
CA LYS A 22 2.72 -1.26 -5.73
C LYS A 22 3.66 -0.82 -4.63
N THR A 23 4.85 -1.39 -4.62
CA THR A 23 5.80 -1.16 -3.56
C THR A 23 6.97 -0.31 -4.00
N ALA A 24 7.33 0.62 -3.13
CA ALA A 24 8.54 1.43 -3.26
C ALA A 24 8.68 2.33 -2.06
N ARG A 25 9.92 2.64 -1.73
CA ARG A 25 10.23 3.35 -0.51
C ARG A 25 11.20 4.49 -0.71
N ASP A 26 11.45 5.20 0.36
CA ASP A 26 12.35 6.32 0.43
C ASP A 26 13.77 5.90 0.03
N PRO A 27 14.66 6.89 -0.13
CA PRO A 27 16.03 6.69 -0.61
C PRO A 27 16.87 5.87 0.33
N GLU A 28 16.34 5.63 1.51
CA GLU A 28 17.09 4.94 2.55
C GLU A 28 17.00 3.43 2.35
N GLY A 29 17.08 3.05 1.10
CA GLY A 29 17.24 1.65 0.71
C GLY A 29 16.14 0.74 1.23
N LYS A 30 15.06 1.35 1.67
CA LYS A 30 13.93 0.66 2.24
C LYS A 30 12.88 0.48 1.16
N ILE A 31 11.88 -0.37 1.44
CA ILE A 31 10.70 -0.50 0.58
C ILE A 31 9.41 -0.35 1.39
N TYR A 32 8.41 0.39 0.86
CA TYR A 32 7.06 0.34 1.42
C TYR A 32 6.06 0.04 0.32
N TYR A 33 4.79 -0.07 0.67
CA TYR A 33 3.77 -0.40 -0.30
C TYR A 33 2.68 0.67 -0.23
N TYR A 34 2.26 1.20 -1.37
CA TYR A 34 1.22 2.22 -1.34
C TYR A 34 0.07 1.85 -2.28
N HIS A 35 -1.17 1.99 -1.80
CA HIS A 35 -2.30 1.60 -2.58
C HIS A 35 -2.74 2.76 -3.42
N VAL A 36 -2.90 2.52 -4.71
CA VAL A 36 -3.10 3.60 -5.66
C VAL A 36 -4.54 4.11 -5.70
N ILE A 37 -5.52 3.22 -5.64
CA ILE A 37 -6.92 3.64 -5.60
C ILE A 37 -7.24 4.42 -4.35
N THR A 38 -6.97 3.82 -3.21
CA THR A 38 -7.30 4.43 -1.92
C THR A 38 -6.35 5.54 -1.53
N ARG A 39 -5.20 5.55 -2.20
CA ARG A 39 -4.18 6.58 -2.06
C ARG A 39 -3.52 6.50 -0.70
N GLN A 40 -3.12 5.29 -0.33
CA GLN A 40 -2.57 5.05 0.98
C GLN A 40 -1.15 4.55 0.85
N THR A 41 -0.40 4.63 1.91
CA THR A 41 0.94 4.05 1.94
C THR A 41 1.19 3.37 3.26
N GLN A 42 1.63 2.12 3.20
CA GLN A 42 1.75 1.28 4.37
C GLN A 42 2.89 0.28 4.23
N TRP A 43 3.75 0.23 5.23
CA TRP A 43 4.89 -0.68 5.23
C TRP A 43 4.60 -1.99 5.97
N ASP A 44 3.69 -1.95 6.93
CA ASP A 44 3.46 -3.09 7.82
C ASP A 44 2.26 -3.99 7.44
N PRO A 45 1.13 -3.44 6.91
CA PRO A 45 -0.05 -4.27 6.58
C PRO A 45 0.23 -5.38 5.57
N PRO A 46 -0.42 -6.53 5.74
CA PRO A 46 -0.26 -7.72 4.89
C PRO A 46 -1.04 -7.61 3.59
N THR A 47 -0.66 -8.40 2.61
CA THR A 47 -1.51 -8.61 1.47
C THR A 47 -2.73 -9.37 1.98
N TRP A 48 -3.86 -8.93 1.54
CA TRP A 48 -5.12 -9.42 2.06
C TRP A 48 -5.58 -10.65 1.29
N GLU A 49 -5.03 -10.80 0.11
CA GLU A 49 -5.37 -11.88 -0.76
C GLU A 49 -4.13 -12.49 -1.40
N SER A 50 -4.27 -13.72 -1.84
CA SER A 50 -3.18 -14.42 -2.48
C SER A 50 -3.44 -14.49 -3.98
N PRO A 51 -2.43 -14.13 -4.80
CA PRO A 51 -2.55 -14.03 -6.25
C PRO A 51 -2.82 -15.35 -6.96
N GLY A 52 -2.16 -15.51 -8.10
CA GLY A 52 -2.28 -16.72 -8.90
C GLY A 52 -1.83 -17.96 -8.15
N ASP A 53 -1.00 -17.75 -7.14
CA ASP A 53 -0.51 -18.84 -6.30
C ASP A 53 -1.67 -19.57 -5.65
N ASP A 54 -2.64 -18.82 -5.17
CA ASP A 54 -3.80 -19.41 -4.50
C ASP A 54 -4.98 -19.52 -5.45
N ALA A 55 -5.22 -18.46 -6.22
CA ALA A 55 -6.38 -18.40 -7.11
C ALA A 55 -5.96 -18.07 -8.54
N SER A 56 -6.31 -18.94 -9.47
CA SER A 56 -6.01 -18.71 -10.86
C SER A 56 -7.32 -18.61 -11.65
N GLY A 1 2.98 6.87 -9.48
CA GLY A 1 2.86 5.45 -9.88
C GLY A 1 2.19 5.30 -11.23
N SER A 2 2.17 4.08 -11.77
CA SER A 2 1.57 3.84 -13.07
C SER A 2 0.05 3.96 -12.98
N ASP A 3 -0.55 3.27 -12.02
CA ASP A 3 -2.00 3.36 -11.82
C ASP A 3 -2.35 4.48 -10.87
N LEU A 4 -1.50 4.66 -9.88
CA LEU A 4 -1.82 5.51 -8.74
C LEU A 4 -1.00 6.79 -8.67
N PRO A 5 -1.62 7.84 -8.11
CA PRO A 5 -0.94 9.06 -7.68
C PRO A 5 -0.11 8.82 -6.43
N PRO A 6 0.88 9.69 -6.14
CA PRO A 6 1.80 9.49 -5.00
C PRO A 6 1.07 9.44 -3.66
N PRO A 7 1.56 8.60 -2.75
CA PRO A 7 0.81 8.18 -1.55
C PRO A 7 0.87 9.16 -0.39
N SER A 8 -0.16 9.09 0.44
CA SER A 8 -0.22 9.77 1.70
C SER A 8 0.37 8.88 2.78
N PRO A 9 0.93 9.47 3.85
CA PRO A 9 1.53 8.72 4.97
C PRO A 9 0.48 7.90 5.72
N PRO A 10 0.92 6.78 6.35
CA PRO A 10 0.02 5.89 7.07
C PRO A 10 -0.65 6.58 8.26
N LYS A 11 -1.89 6.21 8.52
CA LYS A 11 -2.71 6.88 9.50
C LYS A 11 -3.56 5.86 10.27
N PRO A 12 -4.29 6.29 11.34
CA PRO A 12 -5.18 5.39 12.07
C PRO A 12 -6.24 4.75 11.17
N LYS A 13 -6.72 3.58 11.60
CA LYS A 13 -7.64 2.73 10.81
C LYS A 13 -6.86 1.90 9.81
N THR A 14 -7.25 0.64 9.70
CA THR A 14 -6.52 -0.33 8.89
C THR A 14 -6.91 -0.27 7.41
N ILE A 15 -8.16 0.15 7.15
CA ILE A 15 -8.71 0.26 5.82
C ILE A 15 -8.60 -1.01 4.95
N VAL A 16 -9.43 -1.03 3.90
CA VAL A 16 -9.49 -2.13 2.96
C VAL A 16 -8.41 -2.00 1.89
N LEU A 17 -8.33 -2.98 0.99
CA LEU A 17 -7.24 -3.03 0.03
C LEU A 17 -7.77 -3.02 -1.39
N PRO A 18 -7.23 -2.10 -2.19
CA PRO A 18 -7.40 -2.08 -3.62
C PRO A 18 -6.14 -2.63 -4.31
N PRO A 19 -6.18 -3.91 -4.74
CA PRO A 19 -5.03 -4.67 -5.27
C PRO A 19 -4.29 -4.01 -6.45
N ASN A 20 -4.81 -2.90 -6.98
CA ASN A 20 -4.12 -2.10 -7.99
C ASN A 20 -2.78 -1.61 -7.49
N TRP A 21 -2.61 -1.65 -6.18
CA TRP A 21 -1.50 -0.99 -5.55
C TRP A 21 -0.19 -1.66 -5.79
N LYS A 22 0.82 -0.84 -5.59
CA LYS A 22 2.15 -1.17 -5.97
C LYS A 22 3.09 -0.97 -4.80
N THR A 23 4.31 -1.39 -5.00
CA THR A 23 5.32 -1.27 -4.00
C THR A 23 6.41 -0.34 -4.47
N ALA A 24 7.06 0.26 -3.51
CA ALA A 24 8.08 1.26 -3.77
C ALA A 24 8.77 1.63 -2.49
N ARG A 25 9.86 2.34 -2.63
CA ARG A 25 10.73 2.57 -1.53
C ARG A 25 11.11 4.04 -1.40
N ASP A 26 11.37 4.44 -0.17
CA ASP A 26 11.74 5.79 0.12
C ASP A 26 13.21 5.98 -0.14
N PRO A 27 13.61 7.23 -0.27
CA PRO A 27 14.99 7.62 -0.39
C PRO A 27 15.77 7.31 0.87
N GLU A 28 15.05 7.02 1.95
CA GLU A 28 15.66 6.62 3.19
C GLU A 28 15.67 5.10 3.26
N GLY A 29 15.92 4.52 2.11
CA GLY A 29 16.18 3.10 1.98
C GLY A 29 15.08 2.18 2.53
N LYS A 30 13.91 2.74 2.85
CA LYS A 30 12.82 1.92 3.39
C LYS A 30 11.87 1.53 2.28
N ILE A 31 11.44 0.26 2.28
CA ILE A 31 10.61 -0.27 1.21
C ILE A 31 9.18 -0.30 1.69
N TYR A 32 8.28 0.14 0.84
CA TYR A 32 6.86 0.18 1.20
C TYR A 32 5.95 -0.30 0.06
N TYR A 33 4.65 -0.29 0.35
CA TYR A 33 3.61 -0.64 -0.62
C TYR A 33 2.49 0.41 -0.52
N TYR A 34 2.03 0.94 -1.65
CA TYR A 34 1.06 2.03 -1.63
C TYR A 34 -0.12 1.79 -2.58
N HIS A 35 -1.33 2.11 -2.09
CA HIS A 35 -2.56 1.71 -2.75
C HIS A 35 -3.16 2.83 -3.59
N VAL A 36 -3.63 2.46 -4.78
CA VAL A 36 -3.95 3.40 -5.85
C VAL A 36 -5.21 4.24 -5.62
N ILE A 37 -6.28 3.61 -5.14
CA ILE A 37 -7.55 4.32 -4.93
C ILE A 37 -7.44 5.39 -3.86
N THR A 38 -7.08 4.95 -2.68
CA THR A 38 -7.01 5.83 -1.53
C THR A 38 -5.73 6.66 -1.50
N ARG A 39 -4.73 6.18 -2.25
CA ARG A 39 -3.41 6.82 -2.34
C ARG A 39 -2.71 6.78 -1.00
N GLN A 40 -2.64 5.60 -0.41
CA GLN A 40 -2.06 5.45 0.90
C GLN A 40 -0.94 4.44 0.84
N THR A 41 0.01 4.57 1.73
CA THR A 41 1.14 3.66 1.78
C THR A 41 1.27 3.03 3.15
N GLN A 42 1.76 1.80 3.16
CA GLN A 42 1.92 1.06 4.38
C GLN A 42 3.11 0.10 4.27
N TRP A 43 3.98 0.15 5.26
CA TRP A 43 5.14 -0.72 5.28
C TRP A 43 4.89 -1.99 6.10
N ASP A 44 3.96 -1.92 7.05
CA ASP A 44 3.71 -3.04 7.97
C ASP A 44 2.38 -3.76 7.72
N PRO A 45 1.25 -3.04 7.47
CA PRO A 45 -0.06 -3.66 7.19
C PRO A 45 0.01 -4.81 6.18
N PRO A 46 -0.82 -5.84 6.39
CA PRO A 46 -0.74 -7.10 5.65
C PRO A 46 -1.33 -7.03 4.25
N THR A 47 -0.81 -7.86 3.38
CA THR A 47 -1.35 -8.04 2.07
C THR A 47 -2.65 -8.81 2.15
N TRP A 48 -3.68 -8.15 1.71
CA TRP A 48 -5.04 -8.65 1.84
C TRP A 48 -5.37 -9.57 0.68
N GLU A 49 -4.59 -9.44 -0.36
CA GLU A 49 -4.82 -10.18 -1.58
C GLU A 49 -3.61 -11.03 -1.95
N SER A 50 -3.86 -12.05 -2.75
CA SER A 50 -2.84 -13.02 -3.08
C SER A 50 -2.78 -13.26 -4.60
N PRO A 51 -1.56 -13.21 -5.18
CA PRO A 51 -1.33 -13.46 -6.60
C PRO A 51 -1.55 -14.93 -7.00
N GLY A 52 -0.84 -15.32 -8.05
CA GLY A 52 -0.92 -16.67 -8.57
C GLY A 52 -0.26 -17.70 -7.68
N ASP A 53 0.89 -17.33 -7.10
CA ASP A 53 1.70 -18.27 -6.32
C ASP A 53 0.92 -18.83 -5.13
N ASP A 54 0.01 -18.03 -4.60
CA ASP A 54 -0.76 -18.45 -3.43
C ASP A 54 -1.95 -19.32 -3.82
N ALA A 55 -2.67 -18.92 -4.86
CA ALA A 55 -3.88 -19.63 -5.26
C ALA A 55 -4.17 -19.42 -6.74
N SER A 56 -5.10 -20.20 -7.27
CA SER A 56 -5.47 -20.10 -8.67
C SER A 56 -6.56 -19.03 -8.85
N GLY A 1 1.91 7.24 -8.95
CA GLY A 1 0.70 6.38 -8.95
C GLY A 1 0.27 6.02 -10.35
N SER A 2 0.10 4.73 -10.59
CA SER A 2 -0.22 4.24 -11.94
C SER A 2 -1.67 4.60 -12.33
N ASP A 3 -2.62 4.29 -11.46
CA ASP A 3 -4.02 4.66 -11.69
C ASP A 3 -4.33 6.04 -11.16
N LEU A 4 -3.84 6.27 -9.96
CA LEU A 4 -4.20 7.43 -9.15
C LEU A 4 -2.96 8.20 -8.71
N PRO A 5 -3.12 9.51 -8.45
CA PRO A 5 -2.02 10.41 -8.08
C PRO A 5 -1.30 9.95 -6.81
N PRO A 6 -0.07 10.46 -6.60
CA PRO A 6 0.84 9.97 -5.55
C PRO A 6 0.23 10.03 -4.15
N PRO A 7 0.73 9.17 -3.25
CA PRO A 7 0.10 8.83 -1.97
C PRO A 7 -0.02 9.99 -0.98
N SER A 8 -1.01 9.84 -0.12
CA SER A 8 -1.17 10.65 1.07
C SER A 8 -0.76 9.77 2.24
N PRO A 9 -0.33 10.34 3.37
CA PRO A 9 0.02 9.54 4.54
C PRO A 9 -1.19 8.77 5.06
N PRO A 10 -0.97 7.52 5.49
CA PRO A 10 -2.05 6.63 5.92
C PRO A 10 -2.42 6.80 7.38
N LYS A 11 -3.69 6.52 7.69
CA LYS A 11 -4.15 6.51 9.08
C LYS A 11 -5.06 5.29 9.34
N PRO A 12 -4.62 4.07 8.96
CA PRO A 12 -5.41 2.86 9.09
C PRO A 12 -4.88 1.93 10.20
N LYS A 13 -5.40 0.70 10.22
CA LYS A 13 -4.91 -0.33 11.13
C LYS A 13 -5.52 -1.69 10.76
N THR A 14 -6.82 -1.70 10.53
CA THR A 14 -7.54 -2.92 10.19
C THR A 14 -7.61 -3.10 8.67
N ILE A 15 -7.54 -1.98 7.95
CA ILE A 15 -7.72 -1.92 6.53
C ILE A 15 -7.10 -3.08 5.74
N VAL A 16 -7.87 -3.49 4.76
CA VAL A 16 -7.46 -4.49 3.79
C VAL A 16 -6.51 -3.84 2.78
N LEU A 17 -6.08 -4.60 1.80
CA LEU A 17 -5.08 -4.10 0.88
C LEU A 17 -5.60 -4.11 -0.54
N PRO A 18 -5.48 -2.96 -1.22
CA PRO A 18 -5.76 -2.83 -2.64
C PRO A 18 -4.49 -2.95 -3.48
N PRO A 19 -4.23 -4.15 -4.02
CA PRO A 19 -3.03 -4.49 -4.82
C PRO A 19 -2.79 -3.61 -6.06
N ASN A 20 -3.72 -2.70 -6.35
CA ASN A 20 -3.65 -1.89 -7.56
C ASN A 20 -2.34 -1.11 -7.63
N TRP A 21 -1.82 -0.64 -6.48
CA TRP A 21 -0.47 -0.14 -6.47
C TRP A 21 0.40 -1.06 -5.66
N LYS A 22 1.67 -0.81 -5.76
CA LYS A 22 2.69 -1.78 -5.52
C LYS A 22 3.68 -1.34 -4.47
N THR A 23 4.57 -2.23 -4.14
CA THR A 23 5.53 -1.97 -3.09
C THR A 23 6.90 -1.68 -3.65
N ALA A 24 7.61 -0.91 -2.87
CA ALA A 24 8.90 -0.35 -3.21
C ALA A 24 9.43 0.50 -2.08
N ARG A 25 10.60 1.05 -2.28
CA ARG A 25 11.33 1.64 -1.20
C ARG A 25 11.82 3.04 -1.48
N ASP A 26 12.19 3.72 -0.41
CA ASP A 26 12.76 5.04 -0.47
C ASP A 26 14.27 4.93 -0.53
N PRO A 27 14.91 6.01 -0.95
CA PRO A 27 16.35 6.11 -0.99
C PRO A 27 17.00 6.02 0.37
N GLU A 28 16.24 6.26 1.42
CA GLU A 28 16.78 6.12 2.76
C GLU A 28 16.45 4.74 3.29
N GLY A 29 16.60 3.81 2.38
CA GLY A 29 16.58 2.38 2.69
C GLY A 29 15.30 1.88 3.37
N LYS A 30 14.23 2.66 3.38
CA LYS A 30 12.98 2.17 3.94
C LYS A 30 12.12 1.55 2.84
N ILE A 31 11.57 0.37 3.11
CA ILE A 31 10.78 -0.36 2.14
C ILE A 31 9.31 -0.26 2.50
N TYR A 32 8.46 -0.01 1.53
CA TYR A 32 7.02 0.03 1.80
C TYR A 32 6.15 -0.39 0.61
N TYR A 33 4.84 -0.43 0.84
CA TYR A 33 3.85 -0.68 -0.21
C TYR A 33 3.10 0.64 -0.45
N TYR A 34 2.76 0.97 -1.67
CA TYR A 34 1.83 2.07 -1.90
C TYR A 34 0.73 1.61 -2.79
N HIS A 35 -0.48 2.02 -2.48
CA HIS A 35 -1.62 1.60 -3.25
C HIS A 35 -2.42 2.80 -3.76
N VAL A 36 -2.77 2.77 -5.05
CA VAL A 36 -3.35 3.95 -5.73
C VAL A 36 -4.79 4.27 -5.34
N ILE A 37 -5.65 3.26 -5.20
CA ILE A 37 -7.06 3.50 -4.86
C ILE A 37 -7.19 4.20 -3.53
N THR A 38 -6.62 3.60 -2.51
CA THR A 38 -6.71 4.16 -1.17
C THR A 38 -5.78 5.35 -0.99
N ARG A 39 -4.81 5.43 -1.91
CA ARG A 39 -3.85 6.53 -1.99
C ARG A 39 -2.88 6.49 -0.84
N GLN A 40 -2.47 5.29 -0.44
CA GLN A 40 -1.73 5.12 0.78
C GLN A 40 -0.42 4.44 0.53
N THR A 41 0.51 4.67 1.42
CA THR A 41 1.74 3.91 1.46
C THR A 41 1.84 3.25 2.83
N GLN A 42 1.96 1.94 2.86
CA GLN A 42 2.01 1.22 4.12
C GLN A 42 2.90 -0.02 4.00
N TRP A 43 3.87 -0.11 4.90
CA TRP A 43 4.78 -1.24 4.93
C TRP A 43 4.38 -2.28 5.97
N ASP A 44 3.85 -1.82 7.11
CA ASP A 44 3.68 -2.66 8.29
C ASP A 44 2.50 -3.64 8.20
N PRO A 45 1.31 -3.23 7.67
CA PRO A 45 0.17 -4.14 7.50
C PRO A 45 0.55 -5.42 6.75
N PRO A 46 -0.19 -6.51 7.01
CA PRO A 46 0.09 -7.84 6.46
C PRO A 46 -0.33 -7.98 5.02
N THR A 47 0.24 -8.97 4.34
CA THR A 47 -0.28 -9.36 3.08
C THR A 47 -1.64 -10.00 3.37
N TRP A 48 -2.63 -9.49 2.70
CA TRP A 48 -4.00 -9.75 3.02
C TRP A 48 -4.46 -11.09 2.53
N GLU A 49 -3.85 -11.54 1.47
CA GLU A 49 -4.21 -12.78 0.84
C GLU A 49 -3.01 -13.49 0.27
N SER A 50 -3.19 -14.77 0.09
CA SER A 50 -2.18 -15.63 -0.51
C SER A 50 -2.87 -16.63 -1.44
N PRO A 51 -2.20 -17.05 -2.53
CA PRO A 51 -2.73 -18.06 -3.45
C PRO A 51 -2.91 -19.43 -2.79
N GLY A 52 -2.43 -20.45 -3.48
CA GLY A 52 -2.42 -21.80 -2.93
C GLY A 52 -1.61 -21.89 -1.66
N ASP A 53 -0.68 -20.95 -1.50
CA ASP A 53 0.19 -20.89 -0.34
C ASP A 53 -0.60 -20.79 0.97
N ASP A 54 -1.77 -20.16 0.93
CA ASP A 54 -2.55 -20.01 2.15
C ASP A 54 -3.49 -21.19 2.36
N ALA A 55 -4.23 -21.55 1.31
CA ALA A 55 -5.18 -22.68 1.32
C ALA A 55 -6.15 -22.59 0.15
N SER A 56 -5.67 -22.08 -0.97
CA SER A 56 -6.55 -21.84 -2.11
C SER A 56 -6.41 -22.97 -3.13
N GLY A 1 2.01 7.45 -10.26
CA GLY A 1 1.33 6.17 -9.98
C GLY A 1 0.63 5.62 -11.20
N SER A 2 0.41 4.31 -11.23
CA SER A 2 -0.19 3.66 -12.39
C SER A 2 -1.66 4.05 -12.54
N ASP A 3 -2.42 3.92 -11.46
CA ASP A 3 -3.83 4.28 -11.46
C ASP A 3 -4.03 5.73 -11.06
N LEU A 4 -3.37 6.11 -9.99
CA LEU A 4 -3.54 7.40 -9.34
C LEU A 4 -2.20 8.04 -8.98
N PRO A 5 -2.18 9.38 -8.85
CA PRO A 5 -0.99 10.13 -8.42
C PRO A 5 -0.52 9.67 -7.04
N PRO A 6 0.75 9.95 -6.69
CA PRO A 6 1.42 9.30 -5.54
C PRO A 6 0.69 9.53 -4.21
N PRO A 7 0.69 8.49 -3.37
CA PRO A 7 -0.15 8.40 -2.16
C PRO A 7 0.43 9.10 -0.94
N SER A 8 -0.48 9.44 -0.03
CA SER A 8 -0.13 10.04 1.25
C SER A 8 -0.24 8.96 2.33
N PRO A 9 0.48 9.08 3.46
CA PRO A 9 0.40 8.08 4.53
C PRO A 9 -1.00 8.00 5.13
N PRO A 10 -1.48 6.78 5.41
CA PRO A 10 -2.81 6.53 5.90
C PRO A 10 -2.93 6.53 7.44
N LYS A 11 -4.13 6.80 7.93
CA LYS A 11 -4.48 6.56 9.33
C LYS A 11 -5.78 5.76 9.38
N PRO A 12 -5.76 4.52 8.88
CA PRO A 12 -6.93 3.69 8.67
C PRO A 12 -7.12 2.59 9.73
N LYS A 13 -8.18 1.81 9.53
CA LYS A 13 -8.48 0.65 10.38
C LYS A 13 -9.53 -0.23 9.71
N THR A 14 -10.65 0.37 9.31
CA THR A 14 -11.74 -0.40 8.71
C THR A 14 -11.64 -0.44 7.19
N ILE A 15 -11.03 0.59 6.59
CA ILE A 15 -10.95 0.71 5.16
C ILE A 15 -10.30 -0.50 4.49
N VAL A 16 -10.95 -0.91 3.44
CA VAL A 16 -10.47 -1.99 2.60
C VAL A 16 -9.31 -1.50 1.74
N LEU A 17 -8.53 -2.42 1.18
CA LEU A 17 -7.33 -2.05 0.48
C LEU A 17 -7.38 -2.49 -0.96
N PRO A 18 -7.07 -1.57 -1.87
CA PRO A 18 -6.91 -1.83 -3.28
C PRO A 18 -5.45 -2.10 -3.64
N PRO A 19 -5.11 -3.39 -3.79
CA PRO A 19 -3.79 -3.88 -4.19
C PRO A 19 -3.24 -3.30 -5.49
N ASN A 20 -4.01 -2.43 -6.15
CA ASN A 20 -3.66 -1.94 -7.46
C ASN A 20 -2.30 -1.28 -7.46
N TRP A 21 -1.95 -0.61 -6.36
CA TRP A 21 -0.65 -0.01 -6.27
C TRP A 21 0.28 -0.98 -5.62
N LYS A 22 1.52 -0.61 -5.66
CA LYS A 22 2.59 -1.56 -5.57
C LYS A 22 3.56 -1.19 -4.49
N THR A 23 4.50 -2.06 -4.25
CA THR A 23 5.43 -1.87 -3.20
C THR A 23 6.81 -1.53 -3.73
N ALA A 24 7.43 -0.68 -2.98
CA ALA A 24 8.70 -0.07 -3.33
C ALA A 24 9.18 0.84 -2.22
N ARG A 25 10.33 1.45 -2.43
CA ARG A 25 11.06 2.03 -1.35
C ARG A 25 11.35 3.50 -1.54
N ASP A 26 11.71 4.12 -0.44
CA ASP A 26 12.19 5.49 -0.41
C ASP A 26 13.69 5.46 -0.52
N PRO A 27 14.27 6.61 -0.82
CA PRO A 27 15.70 6.81 -0.82
C PRO A 27 16.30 6.64 0.57
N GLU A 28 15.45 6.64 1.58
CA GLU A 28 15.89 6.41 2.95
C GLU A 28 15.82 4.95 3.27
N GLY A 29 16.19 4.17 2.29
CA GLY A 29 16.42 2.74 2.45
C GLY A 29 15.26 1.93 3.00
N LYS A 30 14.07 2.52 3.10
CA LYS A 30 12.91 1.78 3.59
C LYS A 30 12.12 1.22 2.43
N ILE A 31 11.73 -0.04 2.51
CA ILE A 31 10.93 -0.65 1.49
C ILE A 31 9.50 -0.75 1.98
N TYR A 32 8.59 -0.23 1.19
CA TYR A 32 7.19 -0.24 1.62
C TYR A 32 6.22 -0.56 0.50
N TYR A 33 4.94 -0.59 0.85
CA TYR A 33 3.88 -0.93 -0.10
C TYR A 33 2.88 0.21 -0.11
N TYR A 34 2.54 0.72 -1.27
CA TYR A 34 1.63 1.86 -1.36
C TYR A 34 0.56 1.64 -2.39
N HIS A 35 -0.66 2.13 -2.11
CA HIS A 35 -1.83 1.86 -2.94
C HIS A 35 -2.40 3.15 -3.53
N VAL A 36 -2.73 3.11 -4.82
CA VAL A 36 -3.15 4.29 -5.59
C VAL A 36 -4.60 4.69 -5.39
N ILE A 37 -5.50 3.72 -5.35
CA ILE A 37 -6.92 4.03 -5.24
C ILE A 37 -7.20 4.76 -3.95
N THR A 38 -6.84 4.12 -2.86
CA THR A 38 -7.06 4.69 -1.53
C THR A 38 -6.02 5.75 -1.17
N ARG A 39 -4.92 5.73 -1.91
CA ARG A 39 -3.84 6.71 -1.77
C ARG A 39 -3.13 6.51 -0.44
N GLN A 40 -2.73 5.28 -0.16
CA GLN A 40 -2.09 4.96 1.10
C GLN A 40 -0.70 4.41 0.87
N THR A 41 0.12 4.47 1.89
CA THR A 41 1.42 3.85 1.88
C THR A 41 1.67 3.16 3.22
N GLN A 42 2.04 1.89 3.18
CA GLN A 42 2.33 1.14 4.39
C GLN A 42 3.54 0.22 4.20
N TRP A 43 4.49 0.30 5.10
CA TRP A 43 5.66 -0.57 5.01
C TRP A 43 5.46 -1.87 5.77
N ASP A 44 4.89 -1.77 6.98
CA ASP A 44 4.73 -2.95 7.82
C ASP A 44 3.27 -3.36 8.05
N PRO A 45 2.36 -2.42 8.38
CA PRO A 45 1.00 -2.75 8.74
C PRO A 45 -0.07 -2.33 7.71
N PRO A 46 -0.50 -3.25 6.83
CA PRO A 46 -1.70 -3.03 6.03
C PRO A 46 -2.93 -3.35 6.86
N THR A 47 -3.95 -2.51 6.79
CA THR A 47 -5.13 -2.71 7.62
C THR A 47 -6.34 -2.98 6.75
N TRP A 48 -6.08 -3.76 5.74
CA TRP A 48 -7.04 -4.22 4.79
C TRP A 48 -8.25 -4.87 5.46
N GLU A 49 -7.98 -5.52 6.57
CA GLU A 49 -9.00 -6.13 7.38
C GLU A 49 -8.59 -6.13 8.85
N SER A 50 -9.59 -6.23 9.70
CA SER A 50 -9.37 -6.24 11.14
C SER A 50 -10.28 -7.28 11.81
N PRO A 51 -9.69 -8.14 12.66
CA PRO A 51 -10.41 -9.18 13.41
C PRO A 51 -11.40 -8.61 14.43
N GLY A 52 -10.90 -8.52 15.66
CA GLY A 52 -11.68 -8.12 16.81
C GLY A 52 -12.04 -6.66 16.81
N ASP A 53 -11.26 -5.85 16.08
CA ASP A 53 -11.50 -4.41 15.99
C ASP A 53 -12.90 -4.12 15.47
N ASP A 54 -13.38 -4.94 14.53
CA ASP A 54 -14.73 -4.76 14.01
C ASP A 54 -15.71 -5.71 14.70
N ALA A 55 -15.32 -6.97 14.86
CA ALA A 55 -16.21 -7.96 15.43
C ALA A 55 -15.47 -8.87 16.41
N SER A 56 -15.98 -8.93 17.63
CA SER A 56 -15.39 -9.80 18.64
C SER A 56 -16.27 -11.04 18.82
N GLY A 1 2.23 7.56 -8.34
CA GLY A 1 1.33 6.38 -8.30
C GLY A 1 1.23 5.72 -9.65
N SER A 2 1.14 4.40 -9.68
CA SER A 2 1.21 3.66 -10.92
C SER A 2 -0.02 3.91 -11.80
N ASP A 3 -1.21 3.69 -11.26
CA ASP A 3 -2.45 4.02 -11.97
C ASP A 3 -2.95 5.40 -11.59
N LEU A 4 -2.95 5.61 -10.28
CA LEU A 4 -3.59 6.74 -9.62
C LEU A 4 -2.56 7.61 -8.89
N PRO A 5 -2.88 8.89 -8.68
CA PRO A 5 -1.91 9.90 -8.17
C PRO A 5 -1.31 9.52 -6.81
N PRO A 6 -0.13 10.13 -6.49
CA PRO A 6 0.72 9.70 -5.36
C PRO A 6 0.04 9.74 -4.01
N PRO A 7 0.42 8.80 -3.12
CA PRO A 7 -0.25 8.57 -1.86
C PRO A 7 0.23 9.46 -0.71
N SER A 8 -0.70 9.81 0.16
CA SER A 8 -0.40 10.46 1.40
C SER A 8 -0.24 9.41 2.49
N PRO A 9 0.50 9.71 3.58
CA PRO A 9 0.62 8.77 4.69
C PRO A 9 -0.73 8.55 5.38
N PRO A 10 -1.04 7.31 5.74
CA PRO A 10 -2.34 6.95 6.28
C PRO A 10 -2.44 7.06 7.80
N LYS A 11 -3.61 7.47 8.27
CA LYS A 11 -4.01 7.23 9.65
C LYS A 11 -4.90 5.99 9.62
N PRO A 12 -4.26 4.81 9.62
CA PRO A 12 -4.86 3.59 9.10
C PRO A 12 -5.72 2.80 10.06
N LYS A 13 -6.62 2.03 9.46
CA LYS A 13 -7.39 1.00 10.14
C LYS A 13 -7.15 -0.31 9.39
N THR A 14 -8.15 -1.19 9.33
CA THR A 14 -8.01 -2.41 8.55
C THR A 14 -8.14 -2.10 7.06
N ILE A 15 -8.99 -1.12 6.74
CA ILE A 15 -9.18 -0.61 5.42
C ILE A 15 -9.51 -1.67 4.35
N VAL A 16 -9.89 -1.18 3.17
CA VAL A 16 -10.25 -2.01 2.02
C VAL A 16 -9.02 -2.68 1.38
N LEU A 17 -9.15 -3.03 0.12
CA LEU A 17 -8.16 -3.79 -0.57
C LEU A 17 -7.56 -2.99 -1.71
N PRO A 18 -6.25 -3.11 -1.90
CA PRO A 18 -5.49 -2.28 -2.82
C PRO A 18 -4.84 -3.02 -3.99
N PRO A 19 -5.52 -3.91 -4.71
CA PRO A 19 -4.87 -4.83 -5.66
C PRO A 19 -4.06 -4.12 -6.77
N ASN A 20 -4.38 -2.86 -7.04
CA ASN A 20 -3.63 -2.08 -8.03
C ASN A 20 -2.22 -1.70 -7.57
N TRP A 21 -2.00 -1.76 -6.27
CA TRP A 21 -0.85 -1.09 -5.68
C TRP A 21 0.44 -1.77 -5.94
N LYS A 22 1.45 -0.97 -5.75
CA LYS A 22 2.80 -1.37 -5.98
C LYS A 22 3.64 -1.01 -4.77
N THR A 23 4.84 -1.53 -4.75
CA THR A 23 5.76 -1.28 -3.67
C THR A 23 6.74 -0.19 -4.07
N ALA A 24 7.04 0.68 -3.14
CA ALA A 24 7.96 1.76 -3.37
C ALA A 24 8.80 1.96 -2.15
N ARG A 25 9.97 2.48 -2.37
CA ARG A 25 10.96 2.51 -1.35
C ARG A 25 11.59 3.89 -1.22
N ASP A 26 12.04 4.18 -0.03
CA ASP A 26 12.67 5.45 0.27
C ASP A 26 14.17 5.33 0.05
N PRO A 27 14.80 6.48 -0.10
CA PRO A 27 16.24 6.60 -0.30
C PRO A 27 17.06 5.97 0.81
N GLU A 28 16.52 5.94 2.01
CA GLU A 28 17.19 5.26 3.09
C GLU A 28 16.80 3.80 3.14
N GLY A 29 16.72 3.23 1.96
CA GLY A 29 16.60 1.79 1.81
C GLY A 29 15.39 1.17 2.48
N LYS A 30 14.45 1.98 2.99
CA LYS A 30 13.22 1.40 3.52
C LYS A 30 12.25 1.13 2.39
N ILE A 31 11.65 -0.05 2.39
CA ILE A 31 10.71 -0.47 1.36
C ILE A 31 9.30 -0.36 1.90
N TYR A 32 8.42 0.18 1.11
CA TYR A 32 7.01 0.20 1.50
C TYR A 32 6.10 -0.21 0.35
N TYR A 33 4.80 -0.22 0.61
CA TYR A 33 3.78 -0.52 -0.40
C TYR A 33 2.78 0.63 -0.43
N TYR A 34 2.47 1.16 -1.59
CA TYR A 34 1.49 2.23 -1.67
C TYR A 34 0.30 1.83 -2.51
N HIS A 35 -0.89 2.01 -1.97
CA HIS A 35 -2.08 1.55 -2.62
C HIS A 35 -2.73 2.66 -3.39
N VAL A 36 -3.13 2.32 -4.60
CA VAL A 36 -3.57 3.31 -5.55
C VAL A 36 -5.08 3.64 -5.43
N ILE A 37 -5.95 2.66 -5.07
CA ILE A 37 -7.36 3.00 -4.76
C ILE A 37 -7.44 4.16 -3.77
N THR A 38 -6.88 3.88 -2.60
CA THR A 38 -6.99 4.76 -1.44
C THR A 38 -5.95 5.87 -1.41
N ARG A 39 -4.88 5.68 -2.19
CA ARG A 39 -3.75 6.62 -2.22
C ARG A 39 -3.05 6.67 -0.87
N GLN A 40 -2.61 5.51 -0.38
CA GLN A 40 -1.91 5.47 0.90
C GLN A 40 -0.74 4.51 0.86
N THR A 41 0.29 4.86 1.60
CA THR A 41 1.55 4.14 1.61
C THR A 41 1.89 3.64 3.01
N GLN A 42 2.28 2.39 3.09
CA GLN A 42 2.51 1.73 4.37
C GLN A 42 3.56 0.63 4.27
N TRP A 43 4.36 0.49 5.30
CA TRP A 43 5.32 -0.61 5.39
C TRP A 43 4.75 -1.80 6.18
N ASP A 44 4.00 -1.49 7.25
CA ASP A 44 3.59 -2.53 8.21
C ASP A 44 2.14 -3.03 8.00
N PRO A 45 1.16 -2.12 7.75
CA PRO A 45 -0.23 -2.53 7.42
C PRO A 45 -0.28 -3.65 6.37
N PRO A 46 -1.36 -4.45 6.37
CA PRO A 46 -1.46 -5.67 5.59
C PRO A 46 -1.82 -5.42 4.13
N THR A 47 -1.54 -6.41 3.31
CA THR A 47 -2.16 -6.47 2.03
C THR A 47 -3.40 -7.32 2.20
N TRP A 48 -4.44 -6.91 1.56
CA TRP A 48 -5.75 -7.53 1.73
C TRP A 48 -5.88 -8.69 0.76
N GLU A 49 -5.04 -8.67 -0.25
CA GLU A 49 -5.05 -9.67 -1.29
C GLU A 49 -3.64 -9.96 -1.76
N SER A 50 -3.46 -11.14 -2.35
CA SER A 50 -2.16 -11.56 -2.83
C SER A 50 -2.28 -12.13 -4.24
N PRO A 51 -1.39 -11.67 -5.14
CA PRO A 51 -1.33 -12.15 -6.53
C PRO A 51 -0.93 -13.63 -6.66
N GLY A 52 0.12 -13.86 -7.44
CA GLY A 52 0.65 -15.19 -7.66
C GLY A 52 1.16 -15.84 -6.39
N ASP A 53 1.49 -15.02 -5.40
CA ASP A 53 1.98 -15.51 -4.11
C ASP A 53 0.96 -16.43 -3.46
N ASP A 54 -0.31 -16.11 -3.64
CA ASP A 54 -1.37 -16.86 -3.00
C ASP A 54 -1.94 -17.90 -3.96
N ALA A 55 -2.14 -17.49 -5.21
CA ALA A 55 -2.68 -18.38 -6.22
C ALA A 55 -1.58 -19.23 -6.84
N SER A 56 -1.51 -20.48 -6.45
CA SER A 56 -0.51 -21.40 -6.98
C SER A 56 -1.11 -22.79 -7.12
N GLY A 1 1.78 6.83 -10.78
CA GLY A 1 0.49 6.24 -10.32
C GLY A 1 -0.29 5.62 -11.46
N SER A 2 -0.32 4.30 -11.52
CA SER A 2 -0.95 3.58 -12.61
C SER A 2 -2.44 3.90 -12.70
N ASP A 3 -3.14 3.78 -11.58
CA ASP A 3 -4.56 4.11 -11.54
C ASP A 3 -4.81 5.57 -11.16
N LEU A 4 -4.13 5.96 -10.10
CA LEU A 4 -4.46 7.19 -9.38
C LEU A 4 -3.22 8.02 -9.02
N PRO A 5 -3.43 9.34 -8.86
CA PRO A 5 -2.39 10.29 -8.40
C PRO A 5 -1.84 9.92 -7.03
N PRO A 6 -0.65 10.46 -6.67
CA PRO A 6 0.15 9.98 -5.53
C PRO A 6 -0.59 10.02 -4.18
N PRO A 7 -0.18 9.14 -3.26
CA PRO A 7 -0.97 8.77 -2.10
C PRO A 7 -0.80 9.68 -0.90
N SER A 8 -1.87 9.79 -0.14
CA SER A 8 -1.88 10.46 1.12
C SER A 8 -1.52 9.45 2.21
N PRO A 9 -1.01 9.90 3.36
CA PRO A 9 -0.70 8.98 4.46
C PRO A 9 -1.98 8.34 4.99
N PRO A 10 -1.92 7.05 5.34
CA PRO A 10 -3.09 6.29 5.75
C PRO A 10 -3.57 6.70 7.13
N LYS A 11 -4.89 6.70 7.30
CA LYS A 11 -5.49 7.05 8.56
C LYS A 11 -6.01 5.77 9.22
N PRO A 12 -5.46 5.42 10.41
CA PRO A 12 -5.70 4.16 11.11
C PRO A 12 -7.12 3.62 10.95
N LYS A 13 -7.25 2.59 10.12
CA LYS A 13 -8.56 2.03 9.79
C LYS A 13 -8.43 0.52 9.54
N THR A 14 -9.57 -0.16 9.48
CA THR A 14 -9.63 -1.61 9.27
C THR A 14 -9.37 -1.98 7.82
N ILE A 15 -9.64 -1.03 6.92
CA ILE A 15 -9.52 -1.21 5.48
C ILE A 15 -8.31 -2.03 5.05
N VAL A 16 -8.58 -2.93 4.14
CA VAL A 16 -7.59 -3.80 3.54
C VAL A 16 -6.68 -3.02 2.58
N LEU A 17 -5.86 -3.74 1.84
CA LEU A 17 -4.91 -3.11 0.94
C LEU A 17 -5.18 -3.54 -0.48
N PRO A 18 -5.29 -2.56 -1.38
CA PRO A 18 -5.45 -2.80 -2.80
C PRO A 18 -4.10 -2.79 -3.54
N PRO A 19 -3.57 -3.98 -3.83
CA PRO A 19 -2.30 -4.21 -4.55
C PRO A 19 -2.15 -3.51 -5.91
N ASN A 20 -3.19 -2.79 -6.37
CA ASN A 20 -3.14 -2.07 -7.64
C ASN A 20 -1.95 -1.13 -7.69
N TRP A 21 -1.62 -0.55 -6.54
CA TRP A 21 -0.39 0.19 -6.45
C TRP A 21 0.60 -0.64 -5.69
N LYS A 22 1.82 -0.20 -5.75
CA LYS A 22 2.96 -1.06 -5.67
C LYS A 22 3.86 -0.72 -4.50
N THR A 23 4.87 -1.54 -4.34
CA THR A 23 5.81 -1.36 -3.28
C THR A 23 7.04 -0.62 -3.78
N ALA A 24 7.37 0.43 -3.07
CA ALA A 24 8.49 1.28 -3.41
C ALA A 24 9.29 1.52 -2.17
N ARG A 25 10.53 1.91 -2.31
CA ARG A 25 11.42 1.89 -1.18
C ARG A 25 12.15 3.21 -0.99
N ASP A 26 12.69 3.39 0.20
CA ASP A 26 13.42 4.57 0.58
C ASP A 26 14.90 4.36 0.30
N PRO A 27 15.69 5.43 0.38
CA PRO A 27 17.11 5.38 0.16
C PRO A 27 17.83 4.66 1.28
N GLU A 28 17.20 4.61 2.44
CA GLU A 28 17.78 3.92 3.57
C GLU A 28 17.38 2.46 3.55
N GLY A 29 17.36 1.90 2.35
CA GLY A 29 17.11 0.48 2.18
C GLY A 29 15.77 0.02 2.75
N LYS A 30 14.96 0.96 3.24
CA LYS A 30 13.62 0.65 3.70
C LYS A 30 12.72 0.36 2.52
N ILE A 31 11.89 -0.66 2.63
CA ILE A 31 10.92 -0.99 1.59
C ILE A 31 9.55 -0.56 2.06
N TYR A 32 8.82 0.12 1.21
CA TYR A 32 7.45 0.49 1.56
C TYR A 32 6.45 0.11 0.47
N TYR A 33 5.19 0.39 0.71
CA TYR A 33 4.13 0.07 -0.23
C TYR A 33 3.20 1.27 -0.34
N TYR A 34 2.71 1.56 -1.53
CA TYR A 34 1.65 2.56 -1.68
C TYR A 34 0.63 2.10 -2.68
N HIS A 35 -0.64 2.35 -2.40
CA HIS A 35 -1.73 1.80 -3.19
C HIS A 35 -2.66 2.90 -3.72
N VAL A 36 -3.00 2.80 -5.01
CA VAL A 36 -3.66 3.89 -5.74
C VAL A 36 -5.13 4.05 -5.41
N ILE A 37 -5.88 2.95 -5.30
CA ILE A 37 -7.32 3.08 -5.03
C ILE A 37 -7.58 3.76 -3.72
N THR A 38 -7.02 3.19 -2.68
CA THR A 38 -7.25 3.68 -1.33
C THR A 38 -6.48 4.94 -1.04
N ARG A 39 -5.47 5.19 -1.87
CA ARG A 39 -4.63 6.39 -1.79
C ARG A 39 -3.74 6.33 -0.57
N GLN A 40 -3.11 5.18 -0.35
CA GLN A 40 -2.34 4.97 0.84
C GLN A 40 -0.88 4.73 0.52
N THR A 41 -0.05 4.89 1.53
CA THR A 41 1.34 4.54 1.47
C THR A 41 1.85 4.22 2.89
N GLN A 42 2.42 3.05 3.05
CA GLN A 42 2.86 2.60 4.36
C GLN A 42 4.12 1.74 4.23
N TRP A 43 5.13 2.04 5.04
CA TRP A 43 6.35 1.23 5.05
C TRP A 43 6.32 0.16 6.12
N ASP A 44 5.72 0.45 7.27
CA ASP A 44 5.84 -0.44 8.42
C ASP A 44 4.57 -1.26 8.70
N PRO A 45 3.36 -0.67 8.70
CA PRO A 45 2.12 -1.37 8.98
C PRO A 45 1.18 -1.54 7.78
N PRO A 46 1.39 -2.58 6.95
CA PRO A 46 0.41 -2.94 5.93
C PRO A 46 -0.72 -3.76 6.56
N THR A 47 -1.95 -3.45 6.22
CA THR A 47 -3.07 -4.19 6.78
C THR A 47 -3.80 -4.94 5.68
N TRP A 48 -2.99 -5.40 4.78
CA TRP A 48 -3.34 -6.32 3.73
C TRP A 48 -4.03 -7.55 4.32
N GLU A 49 -3.40 -8.07 5.34
CA GLU A 49 -3.81 -9.32 5.93
C GLU A 49 -3.59 -9.32 7.42
N SER A 50 -4.33 -10.18 8.09
CA SER A 50 -4.23 -10.35 9.53
C SER A 50 -4.33 -11.84 9.84
N PRO A 51 -3.67 -12.30 10.92
CA PRO A 51 -3.70 -13.71 11.34
C PRO A 51 -5.11 -14.18 11.74
N GLY A 52 -5.16 -14.88 12.87
CA GLY A 52 -6.43 -15.36 13.43
C GLY A 52 -7.38 -14.23 13.75
N ASP A 53 -6.82 -13.04 13.94
CA ASP A 53 -7.61 -11.84 14.23
C ASP A 53 -8.63 -11.58 13.11
N ASP A 54 -8.20 -11.78 11.87
CA ASP A 54 -9.08 -11.56 10.72
C ASP A 54 -9.70 -12.86 10.22
N ALA A 55 -8.88 -13.90 10.12
CA ALA A 55 -9.34 -15.16 9.55
C ALA A 55 -8.62 -16.34 10.17
N SER A 56 -9.26 -17.50 10.14
CA SER A 56 -8.67 -18.71 10.65
C SER A 56 -7.98 -19.48 9.53
N GLY A 1 1.91 6.74 -9.87
CA GLY A 1 1.19 5.49 -9.50
C GLY A 1 0.69 4.74 -10.72
N SER A 2 0.36 3.47 -10.55
CA SER A 2 -0.07 2.66 -11.68
C SER A 2 -1.44 3.11 -12.20
N ASP A 3 -2.41 3.20 -11.29
CA ASP A 3 -3.75 3.66 -11.63
C ASP A 3 -3.87 5.16 -11.42
N LEU A 4 -3.35 5.56 -10.29
CA LEU A 4 -3.73 6.80 -9.64
C LEU A 4 -2.53 7.60 -9.13
N PRO A 5 -2.72 8.94 -9.00
CA PRO A 5 -1.69 9.88 -8.52
C PRO A 5 -1.17 9.54 -7.12
N PRO A 6 0.02 10.08 -6.77
CA PRO A 6 0.82 9.60 -5.62
C PRO A 6 0.12 9.68 -4.28
N PRO A 7 0.52 8.76 -3.36
CA PRO A 7 -0.15 8.53 -2.09
C PRO A 7 0.27 9.51 -0.99
N SER A 8 -0.61 9.69 -0.03
CA SER A 8 -0.37 10.45 1.16
C SER A 8 -0.02 9.51 2.30
N PRO A 9 0.68 10.01 3.35
CA PRO A 9 1.01 9.18 4.52
C PRO A 9 -0.26 8.70 5.23
N PRO A 10 -0.24 7.46 5.73
CA PRO A 10 -1.44 6.81 6.25
C PRO A 10 -1.81 7.22 7.68
N LYS A 11 -3.10 7.29 7.92
CA LYS A 11 -3.64 7.48 9.26
C LYS A 11 -4.37 6.21 9.67
N PRO A 12 -4.21 5.79 10.94
CA PRO A 12 -4.75 4.51 11.45
C PRO A 12 -6.19 4.25 11.05
N LYS A 13 -6.39 3.19 10.26
CA LYS A 13 -7.72 2.82 9.76
C LYS A 13 -7.86 1.31 9.69
N THR A 14 -9.11 0.87 9.70
CA THR A 14 -9.47 -0.53 9.56
C THR A 14 -9.65 -0.92 8.09
N ILE A 15 -9.93 0.10 7.27
CA ILE A 15 -10.27 -0.06 5.87
C ILE A 15 -9.49 -1.17 5.17
N VAL A 16 -10.26 -1.97 4.43
CA VAL A 16 -9.78 -3.10 3.65
C VAL A 16 -8.78 -2.66 2.57
N LEU A 17 -8.49 -3.56 1.64
CA LEU A 17 -7.37 -3.37 0.77
C LEU A 17 -7.76 -3.22 -0.69
N PRO A 18 -7.17 -2.22 -1.33
CA PRO A 18 -7.12 -2.07 -2.77
C PRO A 18 -5.77 -2.57 -3.32
N PRO A 19 -5.68 -3.87 -3.63
CA PRO A 19 -4.48 -4.55 -4.17
C PRO A 19 -3.91 -3.95 -5.47
N ASN A 20 -4.57 -2.95 -6.02
CA ASN A 20 -4.14 -2.26 -7.25
C ASN A 20 -2.73 -1.70 -7.13
N TRP A 21 -2.27 -1.63 -5.91
CA TRP A 21 -1.09 -0.86 -5.56
C TRP A 21 0.22 -1.44 -6.00
N LYS A 22 1.20 -0.58 -5.88
CA LYS A 22 2.53 -0.85 -6.30
C LYS A 22 3.50 -0.65 -5.16
N THR A 23 4.68 -1.22 -5.31
CA THR A 23 5.69 -1.18 -4.28
C THR A 23 6.82 -0.25 -4.66
N ALA A 24 7.46 0.25 -3.64
CA ALA A 24 8.55 1.21 -3.77
C ALA A 24 9.17 1.44 -2.42
N ARG A 25 10.26 2.16 -2.39
CA ARG A 25 11.02 2.30 -1.19
C ARG A 25 11.30 3.76 -0.89
N ASP A 26 11.64 4.02 0.34
CA ASP A 26 12.02 5.34 0.76
C ASP A 26 13.52 5.46 0.65
N PRO A 27 13.97 6.70 0.63
CA PRO A 27 15.39 7.02 0.64
C PRO A 27 16.07 6.55 1.93
N GLU A 28 15.27 6.29 2.95
CA GLU A 28 15.80 5.76 4.18
C GLU A 28 15.83 4.24 4.13
N GLY A 29 16.16 3.72 2.95
CA GLY A 29 16.38 2.29 2.78
C GLY A 29 15.19 1.42 3.16
N LYS A 30 14.07 2.03 3.53
CA LYS A 30 12.87 1.27 3.85
C LYS A 30 12.14 0.85 2.58
N ILE A 31 11.63 -0.36 2.58
CA ILE A 31 10.89 -0.91 1.46
C ILE A 31 9.41 -0.82 1.77
N TYR A 32 8.65 -0.30 0.84
CA TYR A 32 7.22 -0.16 1.10
C TYR A 32 6.33 -0.47 -0.11
N TYR A 33 5.03 -0.34 0.10
CA TYR A 33 4.01 -0.50 -0.93
C TYR A 33 3.02 0.66 -0.77
N TYR A 34 2.49 1.19 -1.85
CA TYR A 34 1.49 2.26 -1.74
C TYR A 34 0.27 1.98 -2.60
N HIS A 35 -0.91 2.13 -1.99
CA HIS A 35 -2.14 1.75 -2.65
C HIS A 35 -2.67 2.91 -3.46
N VAL A 36 -3.06 2.60 -4.68
CA VAL A 36 -3.32 3.62 -5.69
C VAL A 36 -4.71 4.23 -5.55
N ILE A 37 -5.73 3.42 -5.31
CA ILE A 37 -7.07 3.94 -5.06
C ILE A 37 -7.13 4.79 -3.81
N THR A 38 -6.72 4.21 -2.70
CA THR A 38 -6.86 4.87 -1.40
C THR A 38 -5.80 5.93 -1.14
N ARG A 39 -4.73 5.87 -1.90
CA ARG A 39 -3.62 6.84 -1.81
C ARG A 39 -2.86 6.67 -0.51
N GLN A 40 -2.52 5.42 -0.17
CA GLN A 40 -1.86 5.15 1.07
C GLN A 40 -0.51 4.52 0.81
N THR A 41 0.36 4.58 1.79
CA THR A 41 1.66 3.94 1.71
C THR A 41 2.01 3.25 3.02
N GLN A 42 2.48 2.01 2.92
CA GLN A 42 2.77 1.18 4.08
C GLN A 42 3.93 0.24 3.74
N TRP A 43 4.90 0.13 4.64
CA TRP A 43 6.15 -0.51 4.27
C TRP A 43 6.18 -2.02 4.52
N ASP A 44 5.74 -2.49 5.67
CA ASP A 44 5.69 -3.94 5.89
C ASP A 44 4.26 -4.46 6.08
N PRO A 45 3.43 -3.80 6.92
CA PRO A 45 2.07 -4.23 7.16
C PRO A 45 1.04 -3.41 6.41
N PRO A 46 0.08 -4.07 5.77
CA PRO A 46 -1.06 -3.38 5.16
C PRO A 46 -2.08 -3.01 6.22
N THR A 47 -2.62 -1.80 6.15
CA THR A 47 -3.57 -1.33 7.14
C THR A 47 -4.98 -1.78 6.80
N TRP A 48 -5.00 -2.84 6.03
CA TRP A 48 -6.22 -3.52 5.64
C TRP A 48 -6.77 -4.28 6.81
N GLU A 49 -5.87 -4.55 7.70
CA GLU A 49 -6.16 -5.28 8.90
C GLU A 49 -5.68 -4.52 10.12
N SER A 50 -6.26 -4.83 11.24
CA SER A 50 -5.93 -4.17 12.49
C SER A 50 -5.59 -5.20 13.54
N PRO A 51 -4.48 -4.99 14.26
CA PRO A 51 -4.13 -5.78 15.42
C PRO A 51 -5.14 -5.60 16.55
N GLY A 52 -4.63 -5.47 17.76
CA GLY A 52 -5.48 -5.26 18.91
C GLY A 52 -6.09 -3.86 18.94
N ASP A 53 -5.43 -2.89 18.32
CA ASP A 53 -5.77 -1.48 18.56
C ASP A 53 -7.23 -1.15 18.17
N ASP A 54 -7.69 -1.59 17.01
CA ASP A 54 -9.07 -1.31 16.62
C ASP A 54 -9.98 -2.52 16.86
N ALA A 55 -9.46 -3.70 16.59
CA ALA A 55 -10.27 -4.92 16.60
C ALA A 55 -10.54 -5.44 18.02
N SER A 56 -9.61 -5.24 18.92
CA SER A 56 -9.75 -5.77 20.28
C SER A 56 -9.49 -4.69 21.33
N GLY A 1 0.60 8.56 -9.65
CA GLY A 1 0.59 7.08 -9.52
C GLY A 1 0.20 6.40 -10.81
N SER A 2 0.27 5.07 -10.84
CA SER A 2 0.02 4.33 -12.06
C SER A 2 -1.45 4.42 -12.48
N ASP A 3 -2.35 4.11 -11.56
CA ASP A 3 -3.79 4.28 -11.80
C ASP A 3 -4.25 5.66 -11.37
N LEU A 4 -3.80 6.02 -10.20
CA LEU A 4 -4.38 7.13 -9.45
C LEU A 4 -3.29 8.04 -8.88
N PRO A 5 -3.64 9.32 -8.65
CA PRO A 5 -2.70 10.36 -8.17
C PRO A 5 -2.06 10.00 -6.83
N PRO A 6 -0.93 10.65 -6.49
CA PRO A 6 -0.02 10.22 -5.42
C PRO A 6 -0.69 10.12 -4.06
N PRO A 7 -0.13 9.27 -3.17
CA PRO A 7 -0.81 8.78 -1.98
C PRO A 7 -0.70 9.71 -0.77
N SER A 8 -1.69 9.59 0.10
CA SER A 8 -1.75 10.26 1.35
C SER A 8 -1.20 9.34 2.45
N PRO A 9 -0.75 9.91 3.58
CA PRO A 9 -0.24 9.11 4.71
C PRO A 9 -1.31 8.17 5.27
N PRO A 10 -0.90 6.97 5.71
CA PRO A 10 -1.84 5.95 6.17
C PRO A 10 -2.55 6.34 7.45
N LYS A 11 -3.81 5.95 7.55
CA LYS A 11 -4.62 6.27 8.72
C LYS A 11 -5.02 4.99 9.47
N PRO A 12 -5.63 3.99 8.79
CA PRO A 12 -5.97 2.73 9.43
C PRO A 12 -4.81 1.73 9.40
N LYS A 13 -4.78 0.83 10.35
CA LYS A 13 -3.74 -0.20 10.44
C LYS A 13 -4.33 -1.58 10.21
N THR A 14 -5.66 -1.66 10.19
CA THR A 14 -6.35 -2.92 9.95
C THR A 14 -6.53 -3.16 8.45
N ILE A 15 -6.52 -2.07 7.70
CA ILE A 15 -6.83 -2.02 6.29
C ILE A 15 -6.38 -3.24 5.48
N VAL A 16 -7.29 -3.64 4.60
CA VAL A 16 -7.09 -4.71 3.64
C VAL A 16 -6.09 -4.27 2.55
N LEU A 17 -6.05 -4.98 1.45
CA LEU A 17 -5.05 -4.71 0.45
C LEU A 17 -5.67 -4.28 -0.88
N PRO A 18 -5.19 -3.15 -1.38
CA PRO A 18 -5.40 -2.69 -2.74
C PRO A 18 -4.14 -2.84 -3.60
N PRO A 19 -3.88 -4.06 -4.10
CA PRO A 19 -2.69 -4.40 -4.91
C PRO A 19 -2.52 -3.56 -6.18
N ASN A 20 -3.50 -2.69 -6.46
CA ASN A 20 -3.47 -1.86 -7.66
C ASN A 20 -2.21 -1.02 -7.71
N TRP A 21 -1.75 -0.55 -6.55
CA TRP A 21 -0.45 0.05 -6.47
C TRP A 21 0.42 -0.84 -5.63
N LYS A 22 1.70 -0.58 -5.71
CA LYS A 22 2.70 -1.58 -5.46
C LYS A 22 3.67 -1.18 -4.38
N THR A 23 4.52 -2.10 -4.03
CA THR A 23 5.49 -1.86 -3.01
C THR A 23 6.84 -1.53 -3.59
N ALA A 24 7.48 -0.62 -2.91
CA ALA A 24 8.73 -0.04 -3.33
C ALA A 24 9.47 0.50 -2.13
N ARG A 25 10.67 0.96 -2.35
CA ARG A 25 11.56 1.26 -1.28
C ARG A 25 12.16 2.64 -1.39
N ASP A 26 12.50 3.21 -0.25
CA ASP A 26 13.02 4.54 -0.14
C ASP A 26 14.53 4.50 -0.24
N PRO A 27 15.11 5.67 -0.50
CA PRO A 27 16.54 5.88 -0.52
C PRO A 27 17.19 5.59 0.81
N GLU A 28 16.40 5.64 1.88
CA GLU A 28 16.89 5.27 3.19
C GLU A 28 16.69 3.78 3.41
N GLY A 29 16.91 3.04 2.35
CA GLY A 29 16.93 1.58 2.40
C GLY A 29 15.66 0.93 2.96
N LYS A 30 14.65 1.74 3.28
CA LYS A 30 13.40 1.20 3.83
C LYS A 30 12.45 0.77 2.72
N ILE A 31 11.81 -0.37 2.91
CA ILE A 31 10.90 -0.90 1.92
C ILE A 31 9.48 -0.60 2.36
N TYR A 32 8.68 -0.15 1.42
CA TYR A 32 7.28 0.18 1.74
C TYR A 32 6.32 -0.28 0.64
N TYR A 33 5.03 0.00 0.86
CA TYR A 33 3.96 -0.29 -0.10
C TYR A 33 3.21 1.01 -0.38
N TYR A 34 2.80 1.29 -1.61
CA TYR A 34 1.84 2.38 -1.83
C TYR A 34 0.80 1.97 -2.83
N HIS A 35 -0.44 2.34 -2.56
CA HIS A 35 -1.58 1.86 -3.31
C HIS A 35 -2.42 3.02 -3.86
N VAL A 36 -2.80 2.92 -5.15
CA VAL A 36 -3.44 4.02 -5.87
C VAL A 36 -4.92 4.23 -5.55
N ILE A 37 -5.70 3.16 -5.42
CA ILE A 37 -7.13 3.28 -5.14
C ILE A 37 -7.38 3.99 -3.84
N THR A 38 -6.80 3.43 -2.81
CA THR A 38 -6.98 3.95 -1.47
C THR A 38 -6.15 5.21 -1.21
N ARG A 39 -5.16 5.42 -2.07
CA ARG A 39 -4.24 6.56 -1.99
C ARG A 39 -3.35 6.42 -0.76
N GLN A 40 -2.70 5.27 -0.63
CA GLN A 40 -1.91 5.00 0.55
C GLN A 40 -0.46 4.79 0.20
N THR A 41 0.36 4.97 1.20
CA THR A 41 1.75 4.54 1.16
C THR A 41 2.16 4.20 2.59
N GLN A 42 2.56 2.96 2.81
CA GLN A 42 2.76 2.48 4.16
C GLN A 42 3.82 1.41 4.26
N TRP A 43 4.59 1.53 5.31
CA TRP A 43 5.54 0.49 5.69
C TRP A 43 4.98 -0.42 6.80
N ASP A 44 4.19 0.18 7.68
CA ASP A 44 3.78 -0.47 8.94
C ASP A 44 2.52 -1.34 8.83
N PRO A 45 1.44 -0.88 8.15
CA PRO A 45 0.24 -1.70 7.91
C PRO A 45 0.54 -3.11 7.41
N PRO A 46 -0.44 -4.02 7.57
CA PRO A 46 -0.24 -5.47 7.32
C PRO A 46 0.18 -5.78 5.89
N THR A 47 0.99 -6.81 5.76
CA THR A 47 1.55 -7.21 4.47
C THR A 47 0.64 -8.23 3.79
N TRP A 48 -0.59 -7.82 3.63
CA TRP A 48 -1.61 -8.55 2.91
C TRP A 48 -1.14 -8.97 1.53
N GLU A 49 -0.21 -8.20 0.99
CA GLU A 49 0.24 -8.37 -0.38
C GLU A 49 1.74 -8.23 -0.48
N SER A 50 2.27 -8.78 -1.55
CA SER A 50 3.69 -8.76 -1.82
C SER A 50 3.92 -8.51 -3.32
N PRO A 51 5.13 -8.15 -3.75
CA PRO A 51 5.44 -7.94 -5.16
C PRO A 51 5.22 -9.20 -6.01
N GLY A 52 6.34 -9.76 -6.49
CA GLY A 52 6.29 -11.01 -7.23
C GLY A 52 5.97 -12.19 -6.34
N ASP A 53 6.26 -12.04 -5.04
CA ASP A 53 6.05 -13.11 -4.07
C ASP A 53 4.57 -13.47 -3.95
N ASP A 54 3.70 -12.47 -4.05
CA ASP A 54 2.27 -12.69 -3.88
C ASP A 54 1.69 -13.39 -5.08
N ALA A 55 2.22 -13.05 -6.27
CA ALA A 55 1.77 -13.62 -7.55
C ALA A 55 0.41 -13.07 -7.97
N SER A 56 -0.54 -13.06 -7.04
CA SER A 56 -1.90 -12.59 -7.26
C SER A 56 -2.51 -13.20 -8.53
N GLY A 1 2.38 6.76 -10.32
CA GLY A 1 0.99 6.29 -10.09
C GLY A 1 0.41 5.67 -11.34
N SER A 2 0.12 4.37 -11.28
CA SER A 2 -0.34 3.65 -12.46
C SER A 2 -1.77 4.07 -12.85
N ASP A 3 -2.69 4.01 -11.91
CA ASP A 3 -4.06 4.45 -12.14
C ASP A 3 -4.28 5.90 -11.71
N LEU A 4 -3.81 6.18 -10.52
CA LEU A 4 -4.16 7.37 -9.76
C LEU A 4 -2.91 8.12 -9.29
N PRO A 5 -3.05 9.44 -9.05
CA PRO A 5 -1.98 10.30 -8.54
C PRO A 5 -1.44 9.81 -7.18
N PRO A 6 -0.22 10.25 -6.80
CA PRO A 6 0.56 9.62 -5.72
C PRO A 6 -0.16 9.61 -4.38
N PRO A 7 0.04 8.52 -3.62
CA PRO A 7 -0.67 8.25 -2.38
C PRO A 7 -0.25 9.15 -1.23
N SER A 8 -1.15 9.32 -0.28
CA SER A 8 -0.97 10.10 0.90
C SER A 8 -0.37 9.24 2.02
N PRO A 9 0.28 9.87 3.02
CA PRO A 9 0.90 9.14 4.13
C PRO A 9 -0.13 8.32 4.92
N PRO A 10 0.32 7.24 5.58
CA PRO A 10 -0.56 6.21 6.14
C PRO A 10 -1.48 6.72 7.25
N LYS A 11 -2.68 6.16 7.28
CA LYS A 11 -3.66 6.47 8.31
C LYS A 11 -4.34 5.18 8.75
N PRO A 12 -4.66 5.06 10.05
CA PRO A 12 -5.33 3.87 10.60
C PRO A 12 -6.66 3.61 9.91
N LYS A 13 -6.73 2.50 9.18
CA LYS A 13 -7.92 2.20 8.39
C LYS A 13 -8.19 0.69 8.37
N THR A 14 -9.47 0.36 8.40
CA THR A 14 -9.94 -1.03 8.39
C THR A 14 -10.18 -1.52 6.95
N ILE A 15 -10.40 -0.57 6.04
CA ILE A 15 -10.72 -0.79 4.65
C ILE A 15 -10.01 -1.98 3.99
N VAL A 16 -10.58 -2.41 2.90
CA VAL A 16 -10.03 -3.47 2.05
C VAL A 16 -8.73 -3.00 1.39
N LEU A 17 -8.18 -3.81 0.51
CA LEU A 17 -6.94 -3.47 -0.12
C LEU A 17 -7.13 -3.34 -1.62
N PRO A 18 -6.64 -2.23 -2.17
CA PRO A 18 -6.57 -2.00 -3.59
C PRO A 18 -5.16 -2.23 -4.14
N PRO A 19 -4.81 -3.50 -4.39
CA PRO A 19 -3.49 -3.93 -4.87
C PRO A 19 -3.03 -3.25 -6.17
N ASN A 20 -3.87 -2.41 -6.77
CA ASN A 20 -3.50 -1.74 -8.02
C ASN A 20 -2.22 -0.90 -7.83
N TRP A 21 -1.88 -0.59 -6.57
CA TRP A 21 -0.59 -0.01 -6.31
C TRP A 21 0.28 -0.98 -5.58
N LYS A 22 1.52 -0.62 -5.51
CA LYS A 22 2.59 -1.55 -5.37
C LYS A 22 3.61 -1.07 -4.38
N THR A 23 4.57 -1.91 -4.11
CA THR A 23 5.51 -1.67 -3.05
C THR A 23 6.89 -1.38 -3.55
N ALA A 24 7.54 -0.53 -2.80
CA ALA A 24 8.87 -0.04 -3.11
C ALA A 24 9.39 0.84 -1.99
N ARG A 25 10.61 1.31 -2.16
CA ARG A 25 11.40 1.79 -1.05
C ARG A 25 11.74 3.28 -1.15
N ASP A 26 11.97 3.86 0.02
CA ASP A 26 12.42 5.24 0.13
C ASP A 26 13.93 5.25 0.13
N PRO A 27 14.49 6.43 -0.13
CA PRO A 27 15.92 6.66 -0.11
C PRO A 27 16.57 6.31 1.22
N GLU A 28 15.75 6.18 2.26
CA GLU A 28 16.26 5.77 3.55
C GLU A 28 16.24 4.26 3.69
N GLY A 29 16.55 3.59 2.59
CA GLY A 29 16.78 2.15 2.57
C GLY A 29 15.61 1.31 3.11
N LYS A 30 14.50 1.94 3.48
CA LYS A 30 13.34 1.19 3.95
C LYS A 30 12.33 0.95 2.83
N ILE A 31 11.76 -0.24 2.81
CA ILE A 31 10.84 -0.66 1.77
C ILE A 31 9.42 -0.44 2.23
N TYR A 32 8.58 0.08 1.36
CA TYR A 32 7.19 0.28 1.72
C TYR A 32 6.24 -0.15 0.62
N TYR A 33 4.95 -0.05 0.87
CA TYR A 33 3.91 -0.50 -0.07
C TYR A 33 2.84 0.56 -0.18
N TYR A 34 2.49 0.95 -1.40
CA TYR A 34 1.49 2.00 -1.61
C TYR A 34 0.35 1.53 -2.47
N HIS A 35 -0.85 2.07 -2.20
CA HIS A 35 -2.03 1.69 -2.98
C HIS A 35 -2.71 2.91 -3.62
N VAL A 36 -3.08 2.78 -4.91
CA VAL A 36 -3.62 3.91 -5.69
C VAL A 36 -5.10 4.24 -5.39
N ILE A 37 -5.99 3.27 -5.19
CA ILE A 37 -7.39 3.60 -4.84
C ILE A 37 -7.45 4.40 -3.55
N THR A 38 -6.96 3.78 -2.49
CA THR A 38 -7.11 4.34 -1.16
C THR A 38 -6.13 5.49 -0.91
N ARG A 39 -5.11 5.56 -1.75
CA ARG A 39 -4.11 6.62 -1.69
C ARG A 39 -3.30 6.51 -0.41
N GLN A 40 -2.84 5.30 -0.11
CA GLN A 40 -2.14 5.08 1.13
C GLN A 40 -0.82 4.39 0.87
N THR A 41 0.10 4.61 1.77
CA THR A 41 1.40 4.00 1.73
C THR A 41 1.70 3.38 3.09
N GLN A 42 2.04 2.09 3.12
CA GLN A 42 2.35 1.39 4.36
C GLN A 42 3.61 0.56 4.17
N TRP A 43 4.57 0.69 5.08
CA TRP A 43 5.86 0.04 4.92
C TRP A 43 5.88 -1.38 5.51
N ASP A 44 5.23 -1.58 6.65
CA ASP A 44 5.30 -2.88 7.32
C ASP A 44 3.99 -3.67 7.22
N PRO A 45 2.83 -3.06 7.47
CA PRO A 45 1.54 -3.75 7.39
C PRO A 45 0.75 -3.40 6.14
N PRO A 46 -0.12 -4.31 5.69
CA PRO A 46 -1.11 -4.01 4.66
C PRO A 46 -2.28 -3.22 5.26
N THR A 47 -2.91 -2.38 4.45
CA THR A 47 -4.05 -1.57 4.91
C THR A 47 -5.34 -2.37 4.90
N TRP A 48 -5.16 -3.66 5.03
CA TRP A 48 -6.22 -4.64 4.99
C TRP A 48 -6.80 -4.83 6.39
N GLU A 49 -6.04 -4.43 7.40
CA GLU A 49 -6.51 -4.48 8.77
C GLU A 49 -5.90 -3.36 9.60
N SER A 50 -6.57 -3.04 10.69
CA SER A 50 -6.12 -2.01 11.61
C SER A 50 -5.79 -2.66 12.96
N PRO A 51 -4.74 -2.17 13.65
CA PRO A 51 -4.26 -2.77 14.91
C PRO A 51 -5.30 -2.78 16.03
N GLY A 52 -5.10 -1.87 17.00
CA GLY A 52 -5.96 -1.76 18.16
C GLY A 52 -7.32 -1.18 17.82
N ASP A 53 -7.40 -0.44 16.73
CA ASP A 53 -8.65 0.19 16.30
C ASP A 53 -9.73 -0.86 16.04
N ASP A 54 -9.32 -2.04 15.64
CA ASP A 54 -10.24 -3.15 15.41
C ASP A 54 -10.97 -3.53 16.70
N ALA A 55 -10.26 -3.47 17.81
CA ALA A 55 -10.84 -3.81 19.11
C ALA A 55 -11.13 -2.55 19.92
N SER A 56 -11.69 -1.55 19.25
CA SER A 56 -12.05 -0.29 19.90
C SER A 56 -13.46 0.13 19.47
N GLY A 1 1.51 7.27 -11.02
CA GLY A 1 0.87 6.01 -10.58
C GLY A 1 0.04 5.37 -11.69
N SER A 2 -0.14 4.06 -11.62
CA SER A 2 -0.87 3.35 -12.66
C SER A 2 -2.34 3.74 -12.68
N ASP A 3 -2.98 3.69 -11.50
CA ASP A 3 -4.38 4.08 -11.41
C ASP A 3 -4.52 5.56 -11.07
N LEU A 4 -3.78 5.94 -10.04
CA LEU A 4 -3.95 7.22 -9.37
C LEU A 4 -2.60 7.89 -9.07
N PRO A 5 -2.62 9.23 -8.96
CA PRO A 5 -1.43 10.03 -8.61
C PRO A 5 -0.88 9.63 -7.23
N PRO A 6 0.39 9.97 -6.94
CA PRO A 6 1.15 9.35 -5.84
C PRO A 6 0.48 9.52 -4.48
N PRO A 7 0.61 8.48 -3.65
CA PRO A 7 -0.09 8.34 -2.38
C PRO A 7 0.56 9.06 -1.21
N SER A 8 -0.24 9.35 -0.21
CA SER A 8 0.21 9.99 1.01
C SER A 8 0.32 8.94 2.13
N PRO A 9 1.16 9.18 3.14
CA PRO A 9 1.20 8.29 4.31
C PRO A 9 -0.14 8.30 5.05
N PRO A 10 -0.56 7.13 5.57
CA PRO A 10 -1.88 6.99 6.18
C PRO A 10 -1.92 7.37 7.66
N LYS A 11 -3.03 7.97 8.06
CA LYS A 11 -3.28 8.24 9.46
C LYS A 11 -4.34 7.27 9.99
N PRO A 12 -5.52 7.17 9.33
CA PRO A 12 -6.53 6.17 9.69
C PRO A 12 -6.26 4.83 9.00
N LYS A 13 -5.24 4.13 9.49
CA LYS A 13 -4.78 2.88 8.88
C LYS A 13 -5.64 1.69 9.32
N THR A 14 -6.91 1.96 9.59
CA THR A 14 -7.86 0.93 9.95
C THR A 14 -8.59 0.40 8.71
N ILE A 15 -8.69 1.25 7.71
CA ILE A 15 -9.38 0.97 6.49
C ILE A 15 -8.77 -0.22 5.72
N VAL A 16 -9.55 -0.70 4.77
CA VAL A 16 -9.17 -1.83 3.92
C VAL A 16 -8.08 -1.43 2.92
N LEU A 17 -7.62 -2.39 2.13
CA LEU A 17 -6.47 -2.20 1.26
C LEU A 17 -6.83 -2.44 -0.20
N PRO A 18 -6.42 -1.55 -1.10
CA PRO A 18 -6.51 -1.75 -2.53
C PRO A 18 -5.18 -2.18 -3.15
N PRO A 19 -5.02 -3.49 -3.37
CA PRO A 19 -3.80 -4.12 -3.94
C PRO A 19 -3.37 -3.55 -5.30
N ASN A 20 -4.17 -2.65 -5.87
CA ASN A 20 -3.96 -2.14 -7.21
C ASN A 20 -2.59 -1.48 -7.35
N TRP A 21 -2.12 -0.84 -6.30
CA TRP A 21 -0.83 -0.20 -6.34
C TRP A 21 0.24 -1.11 -5.76
N LYS A 22 1.45 -0.67 -5.95
CA LYS A 22 2.61 -1.54 -5.96
C LYS A 22 3.60 -1.19 -4.86
N THR A 23 4.69 -1.93 -4.83
CA THR A 23 5.69 -1.75 -3.81
C THR A 23 6.81 -0.83 -4.29
N ALA A 24 7.20 0.06 -3.41
CA ALA A 24 8.27 1.00 -3.66
C ALA A 24 8.95 1.35 -2.37
N ARG A 25 10.08 2.01 -2.46
CA ARG A 25 10.88 2.22 -1.28
C ARG A 25 11.31 3.67 -1.12
N ASP A 26 11.67 4.03 0.08
CA ASP A 26 12.13 5.37 0.37
C ASP A 26 13.63 5.42 0.27
N PRO A 27 14.15 6.64 0.21
CA PRO A 27 15.56 6.91 0.24
C PRO A 27 16.12 6.68 1.63
N GLU A 28 15.21 6.62 2.60
CA GLU A 28 15.57 6.34 3.97
C GLU A 28 15.50 4.85 4.20
N GLY A 29 15.96 4.13 3.19
CA GLY A 29 16.21 2.70 3.29
C GLY A 29 14.99 1.89 3.68
N LYS A 30 13.79 2.46 3.56
CA LYS A 30 12.58 1.73 3.86
C LYS A 30 12.03 1.13 2.58
N ILE A 31 11.63 -0.13 2.65
CA ILE A 31 11.01 -0.81 1.53
C ILE A 31 9.54 -0.94 1.84
N TYR A 32 8.71 -0.39 0.98
CA TYR A 32 7.28 -0.38 1.29
C TYR A 32 6.37 -0.73 0.11
N TYR A 33 5.07 -0.70 0.41
CA TYR A 33 4.01 -0.84 -0.56
C TYR A 33 3.24 0.48 -0.59
N TYR A 34 2.72 0.90 -1.72
CA TYR A 34 1.80 2.02 -1.72
C TYR A 34 0.65 1.74 -2.63
N HIS A 35 -0.56 2.18 -2.27
CA HIS A 35 -1.76 1.82 -3.00
C HIS A 35 -2.49 3.06 -3.54
N VAL A 36 -2.88 2.97 -4.81
CA VAL A 36 -3.41 4.11 -5.57
C VAL A 36 -4.83 4.48 -5.20
N ILE A 37 -5.69 3.49 -5.01
CA ILE A 37 -7.11 3.75 -4.76
C ILE A 37 -7.28 4.59 -3.51
N THR A 38 -6.76 4.07 -2.42
CA THR A 38 -6.89 4.75 -1.13
C THR A 38 -5.86 5.86 -0.95
N ARG A 39 -4.81 5.79 -1.76
CA ARG A 39 -3.71 6.76 -1.75
C ARG A 39 -2.88 6.60 -0.50
N GLN A 40 -2.51 5.37 -0.18
CA GLN A 40 -1.78 5.11 1.03
C GLN A 40 -0.43 4.51 0.71
N THR A 41 0.46 4.58 1.69
CA THR A 41 1.70 3.85 1.64
C THR A 41 1.86 3.08 2.95
N GLN A 42 2.25 1.82 2.85
CA GLN A 42 2.46 0.99 4.02
C GLN A 42 3.56 -0.03 3.75
N TRP A 43 4.53 -0.11 4.65
CA TRP A 43 5.72 -0.92 4.44
C TRP A 43 5.55 -2.34 4.95
N ASP A 44 4.79 -2.50 6.02
CA ASP A 44 4.66 -3.80 6.68
C ASP A 44 3.32 -4.48 6.39
N PRO A 45 2.17 -3.75 6.41
CA PRO A 45 0.87 -4.32 6.05
C PRO A 45 0.90 -5.04 4.69
N PRO A 46 0.60 -6.34 4.72
CA PRO A 46 0.66 -7.21 3.53
C PRO A 46 -0.55 -7.03 2.64
N THR A 47 -0.43 -7.49 1.40
CA THR A 47 -1.55 -7.56 0.52
C THR A 47 -2.66 -8.38 1.14
N TRP A 48 -3.64 -7.67 1.60
CA TRP A 48 -4.67 -8.19 2.48
C TRP A 48 -5.64 -9.08 1.72
N GLU A 49 -5.82 -8.76 0.47
CA GLU A 49 -6.78 -9.45 -0.38
C GLU A 49 -6.31 -9.50 -1.80
N SER A 50 -6.87 -10.43 -2.55
CA SER A 50 -6.61 -10.54 -3.97
C SER A 50 -7.84 -10.03 -4.73
N PRO A 51 -7.62 -9.23 -5.79
CA PRO A 51 -8.70 -8.55 -6.52
C PRO A 51 -9.60 -9.51 -7.28
N GLY A 52 -10.25 -8.96 -8.29
CA GLY A 52 -11.20 -9.71 -9.08
C GLY A 52 -10.52 -10.75 -9.95
N ASP A 53 -9.43 -10.34 -10.58
CA ASP A 53 -8.73 -11.19 -11.53
C ASP A 53 -8.07 -12.38 -10.82
N ASP A 54 -7.65 -12.17 -9.58
CA ASP A 54 -6.98 -13.24 -8.84
C ASP A 54 -7.97 -14.08 -8.04
N ALA A 55 -8.91 -13.43 -7.37
CA ALA A 55 -9.90 -14.14 -6.58
C ALA A 55 -11.14 -14.43 -7.41
N SER A 56 -10.99 -15.33 -8.36
CA SER A 56 -12.09 -15.73 -9.21
C SER A 56 -12.72 -17.02 -8.68
N GLY A 1 2.87 7.51 -9.16
CA GLY A 1 1.95 6.39 -8.83
C GLY A 1 1.70 5.50 -10.02
N SER A 2 1.79 4.20 -9.81
CA SER A 2 1.70 3.23 -10.89
C SER A 2 0.36 3.29 -11.63
N ASP A 3 -0.72 3.16 -10.88
CA ASP A 3 -2.06 3.29 -11.44
C ASP A 3 -2.55 4.72 -11.30
N LEU A 4 -2.36 5.23 -10.10
CA LEU A 4 -2.93 6.49 -9.67
C LEU A 4 -1.86 7.37 -9.04
N PRO A 5 -2.05 8.70 -9.10
CA PRO A 5 -1.07 9.70 -8.60
C PRO A 5 -0.74 9.50 -7.12
N PRO A 6 0.41 10.07 -6.68
CA PRO A 6 1.12 9.62 -5.46
C PRO A 6 0.31 9.67 -4.18
N PRO A 7 0.64 8.75 -3.25
CA PRO A 7 -0.14 8.49 -2.03
C PRO A 7 0.18 9.43 -0.88
N SER A 8 -0.80 9.57 0.01
CA SER A 8 -0.65 10.29 1.25
C SER A 8 -0.29 9.30 2.36
N PRO A 9 0.36 9.75 3.45
CA PRO A 9 0.68 8.88 4.58
C PRO A 9 -0.59 8.31 5.20
N PRO A 10 -0.52 7.03 5.65
CA PRO A 10 -1.69 6.24 6.03
C PRO A 10 -2.41 6.75 7.27
N LYS A 11 -3.71 6.52 7.31
CA LYS A 11 -4.54 6.83 8.47
C LYS A 11 -4.92 5.52 9.16
N PRO A 12 -4.42 5.30 10.39
CA PRO A 12 -4.67 4.06 11.15
C PRO A 12 -6.16 3.75 11.28
N LYS A 13 -6.62 2.78 10.50
CA LYS A 13 -8.02 2.40 10.49
C LYS A 13 -8.17 0.88 10.36
N THR A 14 -9.41 0.44 10.24
CA THR A 14 -9.72 -0.96 10.03
C THR A 14 -9.46 -1.36 8.57
N ILE A 15 -9.50 -0.35 7.69
CA ILE A 15 -9.45 -0.51 6.25
C ILE A 15 -8.66 -1.72 5.76
N VAL A 16 -9.36 -2.50 4.95
CA VAL A 16 -8.84 -3.66 4.26
C VAL A 16 -7.91 -3.20 3.13
N LEU A 17 -7.61 -4.11 2.23
CA LEU A 17 -6.58 -3.85 1.24
C LEU A 17 -7.14 -3.90 -0.17
N PRO A 18 -6.85 -2.84 -0.94
CA PRO A 18 -7.13 -2.77 -2.36
C PRO A 18 -5.87 -3.08 -3.18
N PRO A 19 -5.73 -4.34 -3.63
CA PRO A 19 -4.53 -4.89 -4.31
C PRO A 19 -4.05 -4.12 -5.56
N ASN A 20 -4.76 -3.08 -5.96
CA ASN A 20 -4.41 -2.29 -7.14
C ASN A 20 -3.00 -1.72 -7.04
N TRP A 21 -2.54 -1.61 -5.81
CA TRP A 21 -1.34 -0.88 -5.48
C TRP A 21 -0.06 -1.57 -5.81
N LYS A 22 0.96 -0.75 -5.73
CA LYS A 22 2.28 -1.11 -6.09
C LYS A 22 3.26 -0.70 -5.00
N THR A 23 4.50 -1.09 -5.13
CA THR A 23 5.50 -0.87 -4.12
C THR A 23 6.37 0.33 -4.45
N ALA A 24 6.93 0.93 -3.41
CA ALA A 24 7.87 2.02 -3.55
C ALA A 24 8.69 2.13 -2.30
N ARG A 25 9.77 2.85 -2.36
CA ARG A 25 10.76 2.79 -1.31
C ARG A 25 11.19 4.16 -0.82
N ASP A 26 11.59 4.19 0.43
CA ASP A 26 12.03 5.40 1.09
C ASP A 26 13.49 5.62 0.75
N PRO A 27 13.94 6.86 0.93
CA PRO A 27 15.29 7.29 0.62
C PRO A 27 16.39 6.61 1.42
N GLU A 28 16.01 5.97 2.52
CA GLU A 28 17.01 5.23 3.26
C GLU A 28 16.86 3.75 2.95
N GLY A 29 16.63 3.52 1.67
CA GLY A 29 16.65 2.18 1.12
C GLY A 29 15.66 1.21 1.77
N LYS A 30 14.70 1.76 2.49
CA LYS A 30 13.63 0.95 3.07
C LYS A 30 12.46 0.87 2.10
N ILE A 31 11.89 -0.30 1.92
CA ILE A 31 10.90 -0.52 0.89
C ILE A 31 9.51 -0.53 1.51
N TYR A 32 8.60 0.13 0.84
CA TYR A 32 7.20 0.16 1.27
C TYR A 32 6.26 -0.16 0.09
N TYR A 33 4.96 -0.13 0.34
CA TYR A 33 3.95 -0.35 -0.69
C TYR A 33 2.89 0.74 -0.56
N TYR A 34 2.33 1.21 -1.66
CA TYR A 34 1.32 2.27 -1.59
C TYR A 34 0.12 1.97 -2.46
N HIS A 35 -1.08 2.18 -1.90
CA HIS A 35 -2.32 1.86 -2.59
C HIS A 35 -2.69 3.01 -3.51
N VAL A 36 -3.06 2.66 -4.72
CA VAL A 36 -3.32 3.64 -5.74
C VAL A 36 -4.72 4.24 -5.65
N ILE A 37 -5.73 3.42 -5.37
CA ILE A 37 -7.09 3.93 -5.18
C ILE A 37 -7.20 4.79 -3.93
N THR A 38 -6.84 4.21 -2.80
CA THR A 38 -7.01 4.89 -1.52
C THR A 38 -5.92 5.93 -1.26
N ARG A 39 -4.83 5.81 -2.00
CA ARG A 39 -3.71 6.76 -1.95
C ARG A 39 -3.02 6.72 -0.60
N GLN A 40 -2.69 5.52 -0.12
CA GLN A 40 -2.08 5.36 1.17
C GLN A 40 -0.87 4.46 1.05
N THR A 41 0.02 4.53 2.01
CA THR A 41 1.20 3.67 1.99
C THR A 41 1.27 2.81 3.25
N GLN A 42 1.84 1.63 3.13
CA GLN A 42 2.18 0.83 4.30
C GLN A 42 3.52 0.16 4.13
N TRP A 43 4.41 0.33 5.09
CA TRP A 43 5.66 -0.41 5.12
C TRP A 43 5.56 -1.65 6.00
N ASP A 44 4.73 -1.57 7.04
CA ASP A 44 4.68 -2.62 8.05
C ASP A 44 3.42 -3.48 7.98
N PRO A 45 2.21 -2.90 7.77
CA PRO A 45 0.97 -3.68 7.57
C PRO A 45 1.14 -4.85 6.60
N PRO A 46 0.44 -5.96 6.86
CA PRO A 46 0.61 -7.22 6.13
C PRO A 46 0.02 -7.18 4.73
N THR A 47 0.72 -7.81 3.79
CA THR A 47 0.25 -7.96 2.44
C THR A 47 -0.86 -8.98 2.38
N TRP A 48 -2.03 -8.47 2.07
CA TRP A 48 -3.25 -9.26 2.12
C TRP A 48 -3.48 -10.01 0.82
N GLU A 49 -3.15 -9.36 -0.27
CA GLU A 49 -3.33 -9.93 -1.60
C GLU A 49 -2.29 -9.45 -2.57
N SER A 50 -2.11 -10.22 -3.61
CA SER A 50 -1.18 -9.91 -4.68
C SER A 50 -1.82 -10.28 -6.02
N PRO A 51 -1.57 -9.50 -7.07
CA PRO A 51 -2.17 -9.72 -8.41
C PRO A 51 -1.74 -11.02 -9.08
N GLY A 52 -1.40 -10.91 -10.37
CA GLY A 52 -0.95 -12.07 -11.13
C GLY A 52 0.38 -12.60 -10.64
N ASP A 53 1.14 -11.73 -10.00
CA ASP A 53 2.41 -12.11 -9.38
C ASP A 53 2.21 -13.20 -8.32
N ASP A 54 1.04 -13.20 -7.69
CA ASP A 54 0.71 -14.19 -6.67
C ASP A 54 0.35 -15.53 -7.30
N ALA A 55 -0.04 -15.47 -8.58
CA ALA A 55 -0.42 -16.64 -9.37
C ALA A 55 -1.84 -17.12 -9.05
N SER A 56 -2.60 -16.26 -8.39
CA SER A 56 -3.99 -16.57 -8.10
C SER A 56 -4.90 -15.88 -9.10
N GLY A 1 1.48 5.35 -7.21
CA GLY A 1 2.49 5.75 -8.21
C GLY A 1 2.23 5.15 -9.58
N SER A 2 2.04 3.83 -9.62
CA SER A 2 1.92 3.13 -10.89
C SER A 2 0.64 3.47 -11.64
N ASP A 3 -0.48 3.29 -10.97
CA ASP A 3 -1.78 3.53 -11.58
C ASP A 3 -2.23 4.96 -11.32
N LEU A 4 -1.98 5.38 -10.10
CA LEU A 4 -2.48 6.63 -9.57
C LEU A 4 -1.36 7.36 -8.83
N PRO A 5 -1.46 8.70 -8.72
CA PRO A 5 -0.41 9.55 -8.15
C PRO A 5 -0.03 9.17 -6.71
N PRO A 6 1.16 9.62 -6.25
CA PRO A 6 1.79 9.14 -5.00
C PRO A 6 0.91 9.33 -3.75
N PRO A 7 1.15 8.50 -2.74
CA PRO A 7 0.27 8.34 -1.57
C PRO A 7 0.32 9.50 -0.59
N SER A 8 -0.77 9.64 0.15
CA SER A 8 -0.87 10.54 1.25
C SER A 8 -0.41 9.81 2.51
N PRO A 9 -0.05 10.54 3.58
CA PRO A 9 0.54 9.93 4.77
C PRO A 9 -0.39 8.90 5.40
N PRO A 10 0.21 7.80 5.92
CA PRO A 10 -0.54 6.61 6.34
C PRO A 10 -1.50 6.86 7.50
N LYS A 11 -2.61 6.17 7.45
CA LYS A 11 -3.67 6.29 8.44
C LYS A 11 -4.20 4.90 8.78
N PRO A 12 -5.03 4.77 9.85
CA PRO A 12 -5.59 3.49 10.33
C PRO A 12 -5.67 2.39 9.27
N LYS A 13 -4.73 1.44 9.35
CA LYS A 13 -4.61 0.38 8.37
C LYS A 13 -5.49 -0.83 8.72
N THR A 14 -6.49 -0.60 9.55
CA THR A 14 -7.47 -1.64 9.85
C THR A 14 -8.40 -1.80 8.66
N ILE A 15 -8.51 -0.70 7.89
CA ILE A 15 -9.34 -0.61 6.72
C ILE A 15 -9.12 -1.78 5.73
N VAL A 16 -10.06 -1.89 4.81
CA VAL A 16 -10.08 -2.92 3.78
C VAL A 16 -8.88 -2.81 2.83
N LEU A 17 -8.87 -3.63 1.80
CA LEU A 17 -7.72 -3.71 0.93
C LEU A 17 -8.07 -3.34 -0.50
N PRO A 18 -7.27 -2.42 -1.06
CA PRO A 18 -7.28 -2.05 -2.45
C PRO A 18 -6.02 -2.55 -3.18
N PRO A 19 -6.01 -3.84 -3.56
CA PRO A 19 -4.87 -4.53 -4.20
C PRO A 19 -4.33 -3.89 -5.48
N ASN A 20 -4.97 -2.82 -5.94
CA ASN A 20 -4.56 -2.09 -7.16
C ASN A 20 -3.13 -1.60 -7.08
N TRP A 21 -2.63 -1.53 -5.87
CA TRP A 21 -1.38 -0.86 -5.57
C TRP A 21 -0.17 -1.61 -5.94
N LYS A 22 0.89 -0.85 -5.90
CA LYS A 22 2.20 -1.29 -6.20
C LYS A 22 3.15 -0.86 -5.12
N THR A 23 4.33 -1.43 -5.12
CA THR A 23 5.25 -1.26 -4.05
C THR A 23 6.59 -0.76 -4.53
N ALA A 24 7.22 -0.07 -3.62
CA ALA A 24 8.51 0.56 -3.83
C ALA A 24 8.95 1.30 -2.58
N ARG A 25 10.19 1.74 -2.60
CA ARG A 25 10.78 2.27 -1.40
C ARG A 25 10.82 3.79 -1.41
N ASP A 26 10.92 4.34 -0.20
CA ASP A 26 11.02 5.76 0.00
C ASP A 26 12.48 6.17 0.08
N PRO A 27 12.78 7.46 0.32
CA PRO A 27 14.14 7.98 0.32
C PRO A 27 15.09 7.29 1.29
N GLU A 28 14.63 6.86 2.45
CA GLU A 28 15.54 6.20 3.36
C GLU A 28 15.62 4.73 3.07
N GLY A 29 15.64 4.46 1.79
CA GLY A 29 15.84 3.11 1.28
C GLY A 29 14.87 2.08 1.83
N LYS A 30 13.92 2.50 2.65
CA LYS A 30 12.91 1.56 3.15
C LYS A 30 11.91 1.22 2.04
N ILE A 31 11.65 -0.06 1.86
CA ILE A 31 10.82 -0.58 0.80
C ILE A 31 9.42 -0.84 1.31
N TYR A 32 8.45 -0.22 0.67
CA TYR A 32 7.07 -0.40 1.09
C TYR A 32 6.10 -0.55 -0.07
N TYR A 33 4.84 -0.77 0.27
CA TYR A 33 3.76 -0.95 -0.71
C TYR A 33 2.79 0.22 -0.56
N TYR A 34 2.40 0.87 -1.65
CA TYR A 34 1.48 1.99 -1.51
C TYR A 34 0.30 1.92 -2.47
N HIS A 35 -0.90 2.12 -1.91
CA HIS A 35 -2.13 1.85 -2.62
C HIS A 35 -2.49 3.04 -3.50
N VAL A 36 -2.86 2.74 -4.73
CA VAL A 36 -3.04 3.77 -5.73
C VAL A 36 -4.41 4.45 -5.67
N ILE A 37 -5.48 3.69 -5.45
CA ILE A 37 -6.82 4.28 -5.31
C ILE A 37 -6.95 5.09 -4.04
N THR A 38 -6.72 4.40 -2.94
CA THR A 38 -6.91 5.00 -1.62
C THR A 38 -5.78 5.94 -1.21
N ARG A 39 -4.67 5.82 -1.92
CA ARG A 39 -3.53 6.74 -1.79
C ARG A 39 -2.82 6.54 -0.46
N GLN A 40 -2.54 5.30 -0.12
CA GLN A 40 -1.97 4.97 1.17
C GLN A 40 -0.61 4.34 0.97
N THR A 41 0.18 4.26 2.03
CA THR A 41 1.47 3.61 1.99
C THR A 41 1.73 2.86 3.28
N GLN A 42 2.21 1.63 3.16
CA GLN A 42 2.45 0.79 4.33
C GLN A 42 3.60 -0.19 4.07
N TRP A 43 4.56 -0.20 4.98
CA TRP A 43 5.68 -1.13 4.90
C TRP A 43 5.44 -2.38 5.74
N ASP A 44 4.73 -2.23 6.85
CA ASP A 44 4.50 -3.33 7.78
C ASP A 44 3.09 -3.92 7.65
N PRO A 45 2.03 -3.09 7.55
CA PRO A 45 0.67 -3.59 7.33
C PRO A 45 0.56 -4.41 6.05
N PRO A 46 -0.12 -5.56 6.13
CA PRO A 46 -0.22 -6.51 5.02
C PRO A 46 -1.27 -6.10 4.00
N THR A 47 -1.13 -6.64 2.81
CA THR A 47 -2.23 -6.70 1.90
C THR A 47 -3.07 -7.89 2.33
N TRP A 48 -4.35 -7.71 2.25
CA TRP A 48 -5.28 -8.68 2.79
C TRP A 48 -5.60 -9.74 1.76
N GLU A 49 -5.33 -9.38 0.52
CA GLU A 49 -5.56 -10.24 -0.62
C GLU A 49 -4.51 -9.97 -1.70
N SER A 50 -4.31 -10.93 -2.58
CA SER A 50 -3.24 -10.86 -3.55
C SER A 50 -3.78 -10.51 -4.93
N PRO A 51 -3.16 -9.51 -5.58
CA PRO A 51 -3.54 -9.05 -6.92
C PRO A 51 -3.24 -10.06 -8.02
N GLY A 52 -2.93 -9.55 -9.20
CA GLY A 52 -2.63 -10.37 -10.34
C GLY A 52 -1.28 -11.05 -10.25
N ASP A 53 -0.38 -10.46 -9.48
CA ASP A 53 1.03 -10.88 -9.46
C ASP A 53 1.17 -12.35 -9.06
N ASP A 54 0.34 -12.82 -8.14
CA ASP A 54 0.38 -14.24 -7.75
C ASP A 54 -0.41 -15.08 -8.75
N ALA A 55 -1.59 -14.57 -9.13
CA ALA A 55 -2.48 -15.25 -10.08
C ALA A 55 -2.82 -16.66 -9.63
N SER A 56 -2.03 -17.63 -10.06
CA SER A 56 -2.22 -19.02 -9.70
C SER A 56 -0.94 -19.79 -9.96
N GLY A 1 2.42 7.50 -10.22
CA GLY A 1 1.17 6.75 -9.99
C GLY A 1 0.60 6.18 -11.26
N SER A 2 0.68 4.86 -11.40
CA SER A 2 0.25 4.18 -12.62
C SER A 2 -1.25 4.34 -12.87
N ASP A 3 -2.05 4.05 -11.86
CA ASP A 3 -3.49 4.22 -11.95
C ASP A 3 -3.92 5.60 -11.50
N LEU A 4 -3.36 6.00 -10.38
CA LEU A 4 -3.76 7.22 -9.67
C LEU A 4 -2.55 8.01 -9.19
N PRO A 5 -2.71 9.34 -9.03
CA PRO A 5 -1.66 10.23 -8.52
C PRO A 5 -1.19 9.81 -7.12
N PRO A 6 0.02 10.26 -6.71
CA PRO A 6 0.75 9.65 -5.59
C PRO A 6 0.00 9.69 -4.26
N PRO A 7 0.17 8.61 -3.47
CA PRO A 7 -0.58 8.34 -2.25
C PRO A 7 -0.22 9.27 -1.08
N SER A 8 -1.13 9.34 -0.13
CA SER A 8 -0.96 10.14 1.07
C SER A 8 -0.26 9.28 2.12
N PRO A 9 0.51 9.92 3.04
CA PRO A 9 1.28 9.20 4.07
C PRO A 9 0.37 8.38 4.99
N PRO A 10 0.92 7.31 5.60
CA PRO A 10 0.12 6.32 6.31
C PRO A 10 -0.62 6.88 7.52
N LYS A 11 -1.82 6.37 7.70
CA LYS A 11 -2.70 6.76 8.78
C LYS A 11 -3.50 5.55 9.23
N PRO A 12 -3.78 5.42 10.55
CA PRO A 12 -4.44 4.24 11.12
C PRO A 12 -5.75 3.88 10.41
N LYS A 13 -5.69 2.83 9.60
CA LYS A 13 -6.85 2.33 8.89
C LYS A 13 -6.93 0.81 8.99
N THR A 14 -8.15 0.31 9.10
CA THR A 14 -8.41 -1.12 9.17
C THR A 14 -8.68 -1.66 7.77
N ILE A 15 -9.12 -0.76 6.89
CA ILE A 15 -9.51 -1.03 5.52
C ILE A 15 -8.72 -2.14 4.82
N VAL A 16 -9.40 -2.71 3.84
CA VAL A 16 -8.89 -3.78 2.99
C VAL A 16 -7.67 -3.30 2.18
N LEU A 17 -7.18 -4.16 1.30
CA LEU A 17 -5.96 -3.89 0.59
C LEU A 17 -6.23 -3.85 -0.91
N PRO A 18 -5.79 -2.76 -1.55
CA PRO A 18 -5.92 -2.54 -2.97
C PRO A 18 -4.61 -2.74 -3.73
N PRO A 19 -4.39 -3.95 -4.27
CA PRO A 19 -3.20 -4.35 -5.03
C PRO A 19 -2.90 -3.48 -6.27
N ASN A 20 -3.80 -2.54 -6.59
CA ASN A 20 -3.68 -1.70 -7.78
C ASN A 20 -2.36 -0.92 -7.78
N TRP A 21 -1.91 -0.53 -6.60
CA TRP A 21 -0.62 0.13 -6.50
C TRP A 21 0.34 -0.78 -5.81
N LYS A 22 1.58 -0.41 -5.84
CA LYS A 22 2.65 -1.36 -5.70
C LYS A 22 3.60 -0.97 -4.61
N THR A 23 4.52 -1.85 -4.35
CA THR A 23 5.39 -1.73 -3.22
C THR A 23 6.82 -1.43 -3.61
N ALA A 24 7.41 -0.61 -2.78
CA ALA A 24 8.76 -0.11 -2.96
C ALA A 24 9.13 0.80 -1.83
N ARG A 25 10.35 1.31 -1.88
CA ARG A 25 10.92 1.97 -0.74
C ARG A 25 11.25 3.42 -0.96
N ASP A 26 11.54 4.07 0.15
CA ASP A 26 12.03 5.42 0.17
C ASP A 26 13.52 5.39 -0.11
N PRO A 27 14.06 6.52 -0.49
CA PRO A 27 15.48 6.69 -0.71
C PRO A 27 16.28 6.40 0.54
N GLU A 28 15.62 6.43 1.69
CA GLU A 28 16.26 6.07 2.94
C GLU A 28 16.08 4.58 3.20
N GLY A 29 16.19 3.82 2.13
CA GLY A 29 16.29 2.36 2.23
C GLY A 29 15.15 1.65 2.96
N LYS A 30 14.11 2.37 3.36
CA LYS A 30 12.98 1.71 4.04
C LYS A 30 11.94 1.27 3.01
N ILE A 31 11.48 0.03 3.11
CA ILE A 31 10.64 -0.58 2.07
C ILE A 31 9.19 -0.57 2.49
N TYR A 32 8.32 -0.21 1.56
CA TYR A 32 6.89 -0.18 1.86
C TYR A 32 6.03 -0.58 0.66
N TYR A 33 4.71 -0.59 0.87
CA TYR A 33 3.73 -0.82 -0.20
C TYR A 33 2.86 0.43 -0.30
N TYR A 34 2.61 0.95 -1.50
CA TYR A 34 1.69 2.09 -1.62
C TYR A 34 0.64 1.82 -2.65
N HIS A 35 -0.60 2.20 -2.35
CA HIS A 35 -1.75 1.79 -3.12
C HIS A 35 -2.56 3.01 -3.61
N VAL A 36 -2.93 2.99 -4.90
CA VAL A 36 -3.52 4.15 -5.57
C VAL A 36 -4.99 4.41 -5.22
N ILE A 37 -5.81 3.37 -5.15
CA ILE A 37 -7.23 3.55 -4.81
C ILE A 37 -7.40 4.13 -3.42
N THR A 38 -6.83 3.47 -2.43
CA THR A 38 -6.98 3.91 -1.06
C THR A 38 -6.11 5.12 -0.77
N ARG A 39 -5.14 5.31 -1.67
CA ARG A 39 -4.24 6.46 -1.66
C ARG A 39 -3.31 6.38 -0.46
N GLN A 40 -2.81 5.17 -0.19
CA GLN A 40 -2.03 4.95 1.00
C GLN A 40 -0.62 4.50 0.65
N THR A 41 0.25 4.63 1.61
CA THR A 41 1.56 4.04 1.58
C THR A 41 1.87 3.49 2.97
N GLN A 42 2.16 2.20 3.04
CA GLN A 42 2.26 1.51 4.30
C GLN A 42 3.28 0.38 4.23
N TRP A 43 4.11 0.28 5.26
CA TRP A 43 5.21 -0.69 5.26
C TRP A 43 4.81 -2.00 5.90
N ASP A 44 3.88 -1.95 6.84
CA ASP A 44 3.53 -3.14 7.62
C ASP A 44 2.44 -4.00 6.95
N PRO A 45 1.35 -3.40 6.42
CA PRO A 45 0.29 -4.17 5.78
C PRO A 45 0.64 -4.59 4.35
N PRO A 46 0.75 -5.90 4.14
CA PRO A 46 0.95 -6.47 2.81
C PRO A 46 -0.36 -6.52 2.04
N THR A 47 -0.27 -6.62 0.72
CA THR A 47 -1.43 -6.76 -0.09
C THR A 47 -2.12 -8.09 0.24
N TRP A 48 -3.15 -7.98 1.06
CA TRP A 48 -3.81 -9.13 1.66
C TRP A 48 -4.90 -9.68 0.78
N GLU A 49 -5.51 -8.81 0.01
CA GLU A 49 -6.73 -9.13 -0.67
C GLU A 49 -6.83 -8.42 -2.00
N SER A 50 -7.66 -8.95 -2.87
CA SER A 50 -7.93 -8.35 -4.16
C SER A 50 -9.40 -7.93 -4.23
N PRO A 51 -9.67 -6.68 -4.63
CA PRO A 51 -11.01 -6.13 -4.70
C PRO A 51 -11.87 -6.77 -5.79
N GLY A 52 -12.87 -6.03 -6.21
CA GLY A 52 -13.78 -6.49 -7.22
C GLY A 52 -13.15 -6.49 -8.60
N ASP A 53 -12.46 -5.40 -8.93
CA ASP A 53 -11.89 -5.22 -10.27
C ASP A 53 -10.90 -6.31 -10.63
N ASP A 54 -10.07 -6.70 -9.67
CA ASP A 54 -9.05 -7.72 -9.90
C ASP A 54 -9.69 -9.07 -10.21
N ALA A 55 -10.77 -9.37 -9.47
CA ALA A 55 -11.56 -10.59 -9.66
C ALA A 55 -10.73 -11.85 -9.42
N SER A 56 -10.13 -12.37 -10.49
CA SER A 56 -9.33 -13.58 -10.42
C SER A 56 -8.30 -13.60 -11.56
N GLY A 1 3.02 6.91 -9.69
CA GLY A 1 1.71 6.37 -9.28
C GLY A 1 1.10 5.53 -10.40
N SER A 2 1.08 4.22 -10.20
CA SER A 2 0.74 3.30 -11.27
C SER A 2 -0.70 3.50 -11.77
N ASP A 3 -1.66 3.48 -10.86
CA ASP A 3 -3.05 3.76 -11.20
C ASP A 3 -3.37 5.23 -10.98
N LEU A 4 -2.95 5.68 -9.82
CA LEU A 4 -3.30 6.98 -9.29
C LEU A 4 -2.03 7.75 -8.89
N PRO A 5 -2.09 9.10 -8.93
CA PRO A 5 -0.94 9.97 -8.62
C PRO A 5 -0.38 9.70 -7.23
N PRO A 6 0.86 10.15 -6.95
CA PRO A 6 1.63 9.63 -5.81
C PRO A 6 0.90 9.79 -4.48
N PRO A 7 1.05 8.77 -3.62
CA PRO A 7 0.19 8.54 -2.45
C PRO A 7 0.40 9.51 -1.29
N SER A 8 -0.66 9.65 -0.51
CA SER A 8 -0.68 10.46 0.68
C SER A 8 -0.23 9.62 1.88
N PRO A 9 0.22 10.27 2.97
CA PRO A 9 0.67 9.56 4.17
C PRO A 9 -0.45 8.73 4.77
N PRO A 10 -0.10 7.54 5.30
CA PRO A 10 -1.08 6.54 5.73
C PRO A 10 -1.93 6.98 6.92
N LYS A 11 -3.17 6.50 6.93
CA LYS A 11 -4.09 6.72 8.03
C LYS A 11 -4.45 5.37 8.65
N PRO A 12 -5.14 5.33 9.81
CA PRO A 12 -5.52 4.07 10.50
C PRO A 12 -5.84 2.93 9.55
N LYS A 13 -4.96 1.92 9.55
CA LYS A 13 -5.06 0.82 8.59
C LYS A 13 -6.08 -0.23 9.04
N THR A 14 -7.32 0.20 9.16
CA THR A 14 -8.42 -0.71 9.45
C THR A 14 -9.04 -1.21 8.15
N ILE A 15 -8.94 -0.37 7.13
CA ILE A 15 -9.51 -0.59 5.83
C ILE A 15 -9.03 -1.89 5.17
N VAL A 16 -9.85 -2.34 4.24
CA VAL A 16 -9.55 -3.47 3.38
C VAL A 16 -8.43 -3.09 2.40
N LEU A 17 -8.17 -3.96 1.43
CA LEU A 17 -7.02 -3.81 0.59
C LEU A 17 -7.43 -3.68 -0.88
N PRO A 18 -6.91 -2.63 -1.54
CA PRO A 18 -7.03 -2.44 -2.97
C PRO A 18 -5.77 -2.90 -3.70
N PRO A 19 -5.78 -4.14 -4.22
CA PRO A 19 -4.63 -4.82 -4.84
C PRO A 19 -3.97 -4.09 -6.01
N ASN A 20 -4.54 -2.97 -6.45
CA ASN A 20 -4.03 -2.25 -7.62
C ASN A 20 -2.68 -1.63 -7.32
N TRP A 21 -2.34 -1.61 -6.05
CA TRP A 21 -1.20 -0.89 -5.55
C TRP A 21 0.10 -1.47 -5.95
N LYS A 22 1.07 -0.60 -5.87
CA LYS A 22 2.41 -0.91 -6.22
C LYS A 22 3.34 -0.55 -5.09
N THR A 23 4.54 -1.04 -5.15
CA THR A 23 5.45 -0.96 -4.04
C THR A 23 6.79 -0.40 -4.44
N ALA A 24 7.39 0.24 -3.48
CA ALA A 24 8.68 0.89 -3.60
C ALA A 24 9.09 1.54 -2.32
N ARG A 25 10.26 2.14 -2.33
CA ARG A 25 10.96 2.49 -1.13
C ARG A 25 11.17 3.97 -0.94
N ASP A 26 11.52 4.30 0.28
CA ASP A 26 11.89 5.64 0.67
C ASP A 26 13.38 5.77 0.50
N PRO A 27 13.86 7.00 0.50
CA PRO A 27 15.28 7.29 0.44
C PRO A 27 16.05 6.72 1.61
N GLU A 28 15.35 6.38 2.68
CA GLU A 28 15.99 5.74 3.81
C GLU A 28 16.01 4.23 3.63
N GLY A 29 16.20 3.81 2.40
CA GLY A 29 16.38 2.39 2.08
C GLY A 29 15.25 1.48 2.55
N LYS A 30 14.20 2.05 3.13
CA LYS A 30 13.05 1.26 3.56
C LYS A 30 12.13 1.01 2.38
N ILE A 31 11.66 -0.23 2.21
CA ILE A 31 10.82 -0.59 1.09
C ILE A 31 9.38 -0.68 1.55
N TYR A 32 8.48 -0.08 0.79
CA TYR A 32 7.07 -0.15 1.16
C TYR A 32 6.15 -0.41 -0.02
N TYR A 33 4.86 -0.52 0.25
CA TYR A 33 3.84 -0.73 -0.76
C TYR A 33 2.82 0.41 -0.63
N TYR A 34 2.45 1.06 -1.72
CA TYR A 34 1.47 2.13 -1.63
C TYR A 34 0.19 1.75 -2.34
N HIS A 35 -0.96 1.91 -1.69
CA HIS A 35 -2.19 1.48 -2.31
C HIS A 35 -2.85 2.67 -2.97
N VAL A 36 -3.25 2.48 -4.21
CA VAL A 36 -3.52 3.59 -5.08
C VAL A 36 -4.97 4.07 -4.96
N ILE A 37 -5.94 3.15 -4.81
CA ILE A 37 -7.32 3.55 -4.45
C ILE A 37 -7.32 4.39 -3.19
N THR A 38 -6.79 3.79 -2.14
CA THR A 38 -6.85 4.38 -0.79
C THR A 38 -5.89 5.56 -0.61
N ARG A 39 -4.91 5.64 -1.50
CA ARG A 39 -3.96 6.75 -1.55
C ARG A 39 -3.00 6.69 -0.37
N GLN A 40 -2.53 5.50 -0.02
CA GLN A 40 -1.74 5.34 1.17
C GLN A 40 -0.45 4.61 0.87
N THR A 41 0.49 4.69 1.81
CA THR A 41 1.71 3.92 1.74
C THR A 41 1.87 3.12 3.03
N GLN A 42 2.30 1.88 2.92
CA GLN A 42 2.49 1.05 4.10
C GLN A 42 3.60 0.03 3.88
N TRP A 43 4.52 -0.05 4.82
CA TRP A 43 5.59 -1.04 4.77
C TRP A 43 5.27 -2.28 5.59
N ASP A 44 4.51 -2.11 6.68
CA ASP A 44 4.25 -3.21 7.62
C ASP A 44 2.97 -4.00 7.29
N PRO A 45 1.83 -3.33 6.98
CA PRO A 45 0.56 -4.03 6.68
C PRO A 45 0.68 -5.03 5.53
N PRO A 46 -0.10 -6.12 5.60
CA PRO A 46 -0.06 -7.21 4.62
C PRO A 46 -0.84 -6.90 3.37
N THR A 47 -0.55 -7.64 2.32
CA THR A 47 -1.41 -7.65 1.18
C THR A 47 -2.34 -8.83 1.34
N TRP A 48 -3.56 -8.60 0.99
CA TRP A 48 -4.64 -9.54 1.19
C TRP A 48 -4.75 -10.48 0.01
N GLU A 49 -4.20 -10.04 -1.10
CA GLU A 49 -4.23 -10.80 -2.33
C GLU A 49 -2.98 -10.52 -3.15
N SER A 50 -2.69 -11.43 -4.05
CA SER A 50 -1.49 -11.35 -4.87
C SER A 50 -1.84 -11.53 -6.34
N PRO A 51 -1.01 -11.01 -7.26
CA PRO A 51 -1.24 -11.12 -8.70
C PRO A 51 -1.27 -12.57 -9.21
N GLY A 52 -0.20 -12.93 -9.89
CA GLY A 52 -0.02 -14.28 -10.38
C GLY A 52 0.26 -15.26 -9.27
N ASP A 53 0.80 -14.76 -8.16
CA ASP A 53 1.10 -15.59 -7.00
C ASP A 53 -0.16 -16.26 -6.46
N ASP A 54 -1.25 -15.52 -6.41
CA ASP A 54 -2.50 -16.05 -5.88
C ASP A 54 -3.21 -16.92 -6.90
N ALA A 55 -3.07 -16.57 -8.17
CA ALA A 55 -3.68 -17.34 -9.25
C ALA A 55 -2.97 -18.68 -9.43
N SER A 56 -1.64 -18.66 -9.26
CA SER A 56 -0.79 -19.84 -9.37
C SER A 56 -1.05 -20.60 -10.68
N GLY A 1 2.51 7.06 -9.87
CA GLY A 1 1.37 6.14 -9.63
C GLY A 1 0.72 5.72 -10.92
N SER A 2 0.45 4.43 -11.05
CA SER A 2 -0.11 3.89 -12.29
C SER A 2 -1.56 4.35 -12.50
N ASP A 3 -2.39 4.20 -11.49
CA ASP A 3 -3.78 4.63 -11.56
C ASP A 3 -3.95 6.08 -11.13
N LEU A 4 -3.33 6.39 -10.01
CA LEU A 4 -3.61 7.63 -9.29
C LEU A 4 -2.33 8.34 -8.83
N PRO A 5 -2.44 9.68 -8.67
CA PRO A 5 -1.35 10.55 -8.19
C PRO A 5 -0.87 10.15 -6.80
N PRO A 6 0.34 10.61 -6.39
CA PRO A 6 1.10 10.02 -5.27
C PRO A 6 0.34 9.97 -3.96
N PRO A 7 0.57 8.90 -3.20
CA PRO A 7 -0.23 8.51 -2.04
C PRO A 7 0.11 9.27 -0.76
N SER A 8 -0.89 9.35 0.11
CA SER A 8 -0.78 9.94 1.41
C SER A 8 -0.60 8.84 2.47
N PRO A 9 -0.05 9.19 3.64
CA PRO A 9 0.12 8.23 4.73
C PRO A 9 -1.24 7.73 5.24
N PRO A 10 -1.33 6.45 5.60
CA PRO A 10 -2.58 5.82 6.02
C PRO A 10 -2.99 6.21 7.43
N LYS A 11 -4.29 6.37 7.64
CA LYS A 11 -4.81 6.76 8.94
C LYS A 11 -5.37 5.55 9.71
N PRO A 12 -6.09 4.59 9.09
CA PRO A 12 -6.55 3.39 9.78
C PRO A 12 -5.51 2.27 9.69
N LYS A 13 -5.21 1.65 10.82
CA LYS A 13 -4.18 0.62 10.85
C LYS A 13 -4.80 -0.76 10.64
N THR A 14 -6.11 -0.84 10.77
CA THR A 14 -6.84 -2.09 10.60
C THR A 14 -7.30 -2.25 9.15
N ILE A 15 -7.45 -1.12 8.46
CA ILE A 15 -8.01 -1.04 7.12
C ILE A 15 -7.54 -2.11 6.16
N VAL A 16 -8.42 -2.40 5.22
CA VAL A 16 -8.21 -3.35 4.15
C VAL A 16 -7.36 -2.70 3.07
N LEU A 17 -6.78 -3.50 2.19
CA LEU A 17 -5.80 -3.00 1.25
C LEU A 17 -6.21 -3.27 -0.19
N PRO A 18 -6.12 -2.23 -1.03
CA PRO A 18 -6.29 -2.34 -2.46
C PRO A 18 -4.95 -2.48 -3.19
N PRO A 19 -4.60 -3.73 -3.55
CA PRO A 19 -3.35 -4.13 -4.23
C PRO A 19 -3.02 -3.41 -5.56
N ASN A 20 -3.90 -2.53 -6.02
CA ASN A 20 -3.75 -1.88 -7.33
C ASN A 20 -2.41 -1.17 -7.44
N TRP A 21 -1.93 -0.61 -6.35
CA TRP A 21 -0.58 -0.08 -6.33
C TRP A 21 0.27 -1.00 -5.48
N LYS A 22 1.55 -0.80 -5.59
CA LYS A 22 2.49 -1.83 -5.30
C LYS A 22 3.55 -1.40 -4.33
N THR A 23 4.38 -2.33 -3.96
CA THR A 23 5.38 -2.10 -2.95
C THR A 23 6.73 -1.89 -3.56
N ALA A 24 7.48 -1.11 -2.84
CA ALA A 24 8.82 -0.70 -3.19
C ALA A 24 9.41 0.23 -2.16
N ARG A 25 10.63 0.61 -2.40
CA ARG A 25 11.46 1.21 -1.39
C ARG A 25 11.83 2.65 -1.69
N ASP A 26 11.96 3.41 -0.64
CA ASP A 26 12.24 4.81 -0.71
C ASP A 26 13.72 5.10 -0.66
N PRO A 27 14.04 6.30 -1.08
CA PRO A 27 15.38 6.88 -1.06
C PRO A 27 16.05 6.83 0.29
N GLU A 28 15.27 6.66 1.34
CA GLU A 28 15.84 6.50 2.66
C GLU A 28 15.95 5.04 3.01
N GLY A 29 16.32 4.27 2.01
CA GLY A 29 16.63 2.87 2.19
C GLY A 29 15.51 2.02 2.79
N LYS A 30 14.33 2.59 2.98
CA LYS A 30 13.22 1.87 3.59
C LYS A 30 12.30 1.26 2.53
N ILE A 31 11.79 0.06 2.81
CA ILE A 31 10.92 -0.65 1.89
C ILE A 31 9.49 -0.42 2.29
N TYR A 32 8.60 -0.19 1.33
CA TYR A 32 7.19 -0.06 1.69
C TYR A 32 6.21 -0.46 0.59
N TYR A 33 4.92 -0.41 0.92
CA TYR A 33 3.82 -0.75 -0.01
C TYR A 33 2.97 0.50 -0.24
N TYR A 34 2.69 0.89 -1.46
CA TYR A 34 1.79 2.03 -1.66
C TYR A 34 0.75 1.74 -2.69
N HIS A 35 -0.48 2.20 -2.42
CA HIS A 35 -1.65 1.83 -3.21
C HIS A 35 -2.32 3.08 -3.79
N VAL A 36 -2.68 3.00 -5.07
CA VAL A 36 -3.18 4.15 -5.83
C VAL A 36 -4.63 4.52 -5.55
N ILE A 37 -5.53 3.55 -5.48
CA ILE A 37 -6.95 3.84 -5.24
C ILE A 37 -7.16 4.58 -3.94
N THR A 38 -6.69 3.99 -2.87
CA THR A 38 -6.85 4.58 -1.56
C THR A 38 -5.88 5.73 -1.31
N ARG A 39 -4.83 5.73 -2.12
CA ARG A 39 -3.75 6.71 -2.03
C ARG A 39 -3.00 6.56 -0.72
N GLN A 40 -2.49 5.35 -0.50
CA GLN A 40 -1.80 5.02 0.73
C GLN A 40 -0.38 4.59 0.45
N THR A 41 0.43 4.65 1.48
CA THR A 41 1.76 4.05 1.47
C THR A 41 2.08 3.56 2.88
N GLN A 42 2.32 2.27 3.02
CA GLN A 42 2.47 1.66 4.34
C GLN A 42 3.34 0.42 4.30
N TRP A 43 4.35 0.38 5.14
CA TRP A 43 5.10 -0.84 5.39
C TRP A 43 4.61 -1.52 6.67
N ASP A 44 4.14 -0.69 7.60
CA ASP A 44 3.99 -1.12 8.99
C ASP A 44 2.54 -1.41 9.44
N PRO A 45 1.54 -0.58 9.10
CA PRO A 45 0.22 -0.67 9.73
C PRO A 45 -0.57 -1.97 9.42
N PRO A 46 -1.36 -2.09 8.30
CA PRO A 46 -2.26 -3.22 8.13
C PRO A 46 -1.55 -4.44 7.55
N THR A 47 -2.15 -5.59 7.75
CA THR A 47 -1.74 -6.76 7.04
C THR A 47 -2.90 -7.28 6.21
N TRP A 48 -2.64 -7.34 4.95
CA TRP A 48 -3.62 -7.75 3.98
C TRP A 48 -3.50 -9.23 3.70
N GLU A 49 -2.28 -9.63 3.48
CA GLU A 49 -1.96 -10.97 3.07
C GLU A 49 -0.92 -11.58 3.99
N SER A 50 -0.88 -12.89 4.00
CA SER A 50 0.08 -13.62 4.79
C SER A 50 1.13 -14.22 3.85
N PRO A 51 2.35 -14.50 4.35
CA PRO A 51 3.45 -15.03 3.52
C PRO A 51 3.12 -16.38 2.86
N GLY A 52 3.92 -17.39 3.19
CA GLY A 52 3.67 -18.73 2.71
C GLY A 52 2.45 -19.34 3.35
N ASP A 53 2.11 -18.83 4.52
CA ASP A 53 0.96 -19.33 5.30
C ASP A 53 -0.36 -19.20 4.52
N ASP A 54 -0.51 -18.09 3.80
CA ASP A 54 -1.77 -17.80 3.12
C ASP A 54 -1.90 -18.63 1.85
N ALA A 55 -0.80 -18.80 1.13
CA ALA A 55 -0.80 -19.55 -0.11
C ALA A 55 -1.01 -21.03 0.14
N SER A 56 -2.23 -21.49 -0.04
CA SER A 56 -2.56 -22.89 0.18
C SER A 56 -3.03 -23.52 -1.13
#